data_2NZJ
#
_entry.id   2NZJ
#
_cell.length_a   43.640
_cell.length_b   102.284
_cell.length_c   165.565
_cell.angle_alpha   90.00
_cell.angle_beta   90.00
_cell.angle_gamma   90.00
#
_symmetry.space_group_name_H-M   'P 21 21 21'
#
loop_
_entity.id
_entity.type
_entity.pdbx_description
1 polymer 'GTP-binding protein REM 1'
2 non-polymer 'MAGNESIUM ION'
3 non-polymer 'CHLORIDE ION'
4 non-polymer "GUANOSINE-5'-DIPHOSPHATE"
5 water water
#
_entity_poly.entity_id   1
_entity_poly.type   'polypeptide(L)'
_entity_poly.pdbx_seq_one_letter_code
;SMALYRVVLLGDPGVGKTSLASLFAGKQERDLHEQLGEDVYERTLTVDGEDTTLVVVDTWEAEKLDKSWSQESCLQGGSA
YVIVYSIADRGSFESASELRIQLRRTHQADHVPIILVGNKADLARCREVSVEEGRACAVVFDCKFIETSATLQHNVAELF
EGVVRQLRLRRRDSA
;
_entity_poly.pdbx_strand_id   A,B,C,D
#
loop_
_chem_comp.id
_chem_comp.type
_chem_comp.name
_chem_comp.formula
CL non-polymer 'CHLORIDE ION' 'Cl -1'
GDP RNA linking GUANOSINE-5'-DIPHOSPHATE 'C10 H15 N5 O11 P2'
MG non-polymer 'MAGNESIUM ION' 'Mg 2'
#
# COMPACT_ATOMS: atom_id res chain seq x y z
N MET A 2 33.72 -14.30 -1.77
CA MET A 2 33.42 -14.81 -3.16
C MET A 2 32.41 -15.99 -3.14
N ALA A 3 31.62 -16.05 -4.20
CA ALA A 3 30.61 -17.08 -4.36
C ALA A 3 30.10 -16.97 -5.79
N LEU A 4 29.35 -17.96 -6.22
CA LEU A 4 28.74 -17.93 -7.52
C LEU A 4 27.27 -18.31 -7.35
N TYR A 5 26.39 -17.54 -8.01
CA TYR A 5 24.97 -17.78 -7.96
C TYR A 5 24.32 -17.70 -9.36
N ARG A 6 23.32 -18.54 -9.57
CA ARG A 6 22.55 -18.58 -10.82
C ARG A 6 21.30 -17.74 -10.63
N VAL A 7 21.17 -16.70 -11.44
CA VAL A 7 20.06 -15.77 -11.38
C VAL A 7 19.24 -15.93 -12.64
N VAL A 8 17.95 -16.23 -12.49
CA VAL A 8 17.13 -16.51 -13.65
C VAL A 8 16.18 -15.33 -13.93
N LEU A 9 16.20 -14.81 -15.18
CA LEU A 9 15.28 -13.72 -15.64
C LEU A 9 13.98 -14.26 -16.24
N LEU A 10 12.85 -13.91 -15.64
CA LEU A 10 11.55 -14.32 -16.13
C LEU A 10 10.70 -13.10 -16.54
N GLY A 11 9.69 -13.34 -17.38
CA GLY A 11 8.74 -12.33 -17.80
C GLY A 11 8.32 -12.46 -19.25
N ASP A 12 7.20 -11.85 -19.60
CA ASP A 12 6.71 -11.85 -20.98
C ASP A 12 7.71 -11.26 -22.00
N PRO A 13 7.57 -11.65 -23.28
CA PRO A 13 8.41 -11.05 -24.31
C PRO A 13 8.20 -9.55 -24.42
N GLY A 14 9.29 -8.81 -24.64
CA GLY A 14 9.21 -7.38 -24.88
C GLY A 14 9.35 -6.48 -23.66
N VAL A 15 9.46 -7.07 -22.48
CA VAL A 15 9.54 -6.26 -21.26
C VAL A 15 10.95 -5.71 -21.03
N GLY A 16 11.95 -6.28 -21.68
CA GLY A 16 13.35 -5.80 -21.56
C GLY A 16 14.32 -6.71 -20.82
N LYS A 17 14.03 -8.02 -20.81
CA LYS A 17 14.88 -9.01 -20.12
C LYS A 17 16.29 -9.09 -20.72
N THR A 18 16.35 -9.25 -22.04
CA THR A 18 17.63 -9.30 -22.71
C THR A 18 18.41 -7.98 -22.56
N SER A 19 17.73 -6.86 -22.57
CA SER A 19 18.39 -5.57 -22.40
C SER A 19 19.05 -5.45 -21.02
N LEU A 20 18.31 -5.83 -19.97
CA LEU A 20 18.83 -5.82 -18.62
C LEU A 20 20.05 -6.76 -18.49
N ALA A 21 19.97 -7.92 -19.13
CA ALA A 21 21.08 -8.88 -19.11
C ALA A 21 22.32 -8.36 -19.82
N SER A 22 22.14 -7.66 -20.93
CA SER A 22 23.27 -7.13 -21.69
C SER A 22 24.00 -6.02 -20.93
N LEU A 23 23.24 -5.19 -20.24
CA LEU A 23 23.84 -4.18 -19.38
C LEU A 23 24.59 -4.85 -18.24
N PHE A 24 24.03 -5.93 -17.71
CA PHE A 24 24.74 -6.70 -16.68
C PHE A 24 26.03 -7.31 -17.22
N ALA A 25 26.00 -7.84 -18.43
CA ALA A 25 27.20 -8.41 -19.01
C ALA A 25 28.27 -7.33 -19.25
N GLY A 26 27.84 -6.09 -19.51
CA GLY A 26 28.79 -4.99 -19.80
C GLY A 26 29.26 -5.05 -21.24
N LYS A 27 30.23 -4.20 -21.59
CA LYS A 27 30.68 -3.96 -22.99
C LYS A 27 31.07 -5.22 -23.82
N HIS A 33 31.95 -16.94 -28.37
CA HIS A 33 31.97 -17.80 -29.58
C HIS A 33 32.30 -19.25 -29.24
N GLU A 34 33.25 -19.43 -28.34
CA GLU A 34 33.55 -20.73 -27.73
C GLU A 34 32.49 -21.15 -26.71
N GLN A 35 31.69 -20.20 -26.24
CA GLN A 35 30.63 -20.51 -25.26
C GLN A 35 29.56 -21.43 -25.84
N LEU A 36 29.41 -22.61 -25.23
CA LEU A 36 28.31 -23.52 -25.50
C LEU A 36 27.01 -22.92 -24.94
N GLY A 37 26.03 -22.69 -25.81
CA GLY A 37 24.79 -21.99 -25.42
C GLY A 37 24.93 -20.47 -25.41
N GLU A 38 23.83 -19.75 -25.59
CA GLU A 38 23.91 -18.34 -26.05
C GLU A 38 23.37 -17.24 -25.15
N ASP A 39 22.38 -17.53 -24.30
CA ASP A 39 21.72 -16.44 -23.54
C ASP A 39 22.06 -16.48 -22.03
N VAL A 40 23.37 -16.58 -21.77
CA VAL A 40 23.93 -16.76 -20.42
C VAL A 40 25.09 -15.80 -20.26
N TYR A 41 24.98 -15.02 -19.20
CA TYR A 41 25.81 -13.85 -19.00
C TYR A 41 26.46 -14.00 -17.62
N GLU A 42 27.76 -13.75 -17.57
CA GLU A 42 28.53 -13.95 -16.35
C GLU A 42 29.30 -12.69 -16.01
N ARG A 43 29.24 -12.27 -14.75
CA ARG A 43 30.09 -11.19 -14.29
C ARG A 43 30.30 -11.23 -12.80
N THR A 44 31.49 -10.84 -12.36
CA THR A 44 31.84 -10.76 -10.95
C THR A 44 31.70 -9.33 -10.46
N LEU A 45 30.83 -9.12 -9.49
CA LEU A 45 30.53 -7.79 -9.00
C LEU A 45 31.12 -7.55 -7.63
N THR A 46 31.62 -6.34 -7.42
CA THR A 46 32.12 -5.92 -6.12
C THR A 46 31.03 -5.14 -5.39
N VAL A 47 30.57 -5.68 -4.28
CA VAL A 47 29.47 -5.09 -3.51
C VAL A 47 29.87 -5.12 -2.05
N ASP A 48 29.67 -4.01 -1.35
CA ASP A 48 30.10 -3.85 0.06
C ASP A 48 31.50 -4.43 0.28
N GLY A 49 32.41 -4.09 -0.63
CA GLY A 49 33.82 -4.46 -0.54
C GLY A 49 34.18 -5.92 -0.79
N GLU A 50 33.22 -6.69 -1.32
CA GLU A 50 33.31 -8.15 -1.46
C GLU A 50 32.88 -8.59 -2.85
N ASP A 51 33.63 -9.48 -3.47
CA ASP A 51 33.32 -9.93 -4.84
C ASP A 51 32.35 -11.10 -4.84
N THR A 52 31.46 -11.13 -5.83
CA THR A 52 30.52 -12.22 -6.02
C THR A 52 30.19 -12.34 -7.48
N THR A 53 30.18 -13.56 -8.01
CA THR A 53 29.86 -13.80 -9.40
C THR A 53 28.41 -14.19 -9.53
N LEU A 54 27.73 -13.55 -10.47
CA LEU A 54 26.39 -13.96 -10.85
C LEU A 54 26.47 -14.48 -12.27
N VAL A 55 25.77 -15.58 -12.52
CA VAL A 55 25.50 -16.05 -13.85
C VAL A 55 24.02 -15.76 -14.09
N VAL A 56 23.74 -14.85 -15.03
CA VAL A 56 22.38 -14.40 -15.30
C VAL A 56 21.88 -15.15 -16.53
N VAL A 57 20.79 -15.90 -16.35
CA VAL A 57 20.18 -16.74 -17.39
C VAL A 57 18.97 -16.01 -18.03
N ASP A 58 18.96 -15.97 -19.37
CA ASP A 58 17.94 -15.24 -20.13
C ASP A 58 17.36 -16.12 -21.22
N THR A 59 16.79 -17.24 -20.83
CA THR A 59 16.31 -18.24 -21.79
C THR A 59 14.81 -18.51 -21.69
N TRP A 60 14.10 -17.73 -20.90
CA TRP A 60 12.68 -17.98 -20.63
C TRP A 60 11.81 -17.71 -21.85
N SER A 68 11.62 -30.02 -23.07
CA SER A 68 12.99 -29.55 -22.84
C SER A 68 13.39 -29.67 -21.37
N TRP A 69 14.55 -30.28 -21.17
CA TRP A 69 15.12 -30.48 -19.85
C TRP A 69 15.49 -29.15 -19.17
N SER A 70 16.05 -28.21 -19.90
CA SER A 70 16.40 -26.91 -19.31
C SER A 70 15.14 -26.10 -18.97
N GLN A 71 14.10 -26.20 -19.81
CA GLN A 71 12.82 -25.54 -19.55
C GLN A 71 12.16 -26.12 -18.30
N GLU A 72 12.18 -27.44 -18.12
CA GLU A 72 11.66 -28.06 -16.88
C GLU A 72 12.47 -27.68 -15.64
N SER A 73 13.80 -27.79 -15.75
CA SER A 73 14.68 -27.52 -14.61
C SER A 73 14.74 -26.04 -14.20
N CYS A 74 14.40 -25.16 -15.14
CA CYS A 74 14.55 -23.70 -15.00
C CYS A 74 14.03 -23.04 -13.73
N LEU A 75 12.85 -23.45 -13.28
CA LEU A 75 12.21 -22.86 -12.10
C LEU A 75 12.63 -23.57 -10.79
N GLN A 76 13.51 -24.55 -10.88
CA GLN A 76 14.03 -25.27 -9.71
C GLN A 76 15.53 -25.02 -9.44
N GLY A 77 16.28 -24.59 -10.45
CA GLY A 77 17.72 -24.45 -10.32
C GLY A 77 18.20 -23.10 -9.81
N GLY A 78 17.32 -22.10 -9.77
CA GLY A 78 17.81 -20.75 -9.58
C GLY A 78 18.18 -20.45 -8.14
N SER A 79 19.26 -19.69 -7.96
CA SER A 79 19.61 -19.15 -6.65
C SER A 79 18.73 -17.95 -6.34
N ALA A 80 18.33 -17.24 -7.38
CA ALA A 80 17.44 -16.09 -7.30
C ALA A 80 16.66 -15.95 -8.60
N TYR A 81 15.48 -15.35 -8.52
CA TYR A 81 14.68 -15.10 -9.71
C TYR A 81 14.32 -13.63 -9.81
N VAL A 82 14.51 -13.06 -11.01
CA VAL A 82 14.11 -11.70 -11.34
C VAL A 82 12.94 -11.74 -12.32
N ILE A 83 11.73 -11.44 -11.82
CA ILE A 83 10.52 -11.39 -12.62
C ILE A 83 10.33 -9.97 -13.12
N VAL A 84 10.50 -9.75 -14.43
CA VAL A 84 10.45 -8.43 -15.04
C VAL A 84 9.13 -8.22 -15.74
N TYR A 85 8.51 -7.05 -15.56
CA TYR A 85 7.37 -6.59 -16.40
C TYR A 85 7.67 -5.16 -16.89
N SER A 86 6.89 -4.69 -17.85
CA SER A 86 6.96 -3.31 -18.31
C SER A 86 5.85 -2.48 -17.68
N ILE A 87 6.21 -1.36 -17.07
CA ILE A 87 5.24 -0.44 -16.48
C ILE A 87 4.24 0.13 -17.49
N ALA A 88 4.56 0.03 -18.79
CA ALA A 88 3.69 0.46 -19.88
C ALA A 88 2.77 -0.61 -20.47
N ASP A 89 2.77 -1.82 -19.90
CA ASP A 89 2.01 -2.94 -20.45
C ASP A 89 1.38 -3.75 -19.34
N ARG A 90 0.13 -3.43 -19.04
CA ARG A 90 -0.68 -4.11 -18.03
C ARG A 90 -0.59 -5.64 -18.13
N GLY A 91 -0.71 -6.18 -19.34
CA GLY A 91 -0.62 -7.62 -19.58
C GLY A 91 0.62 -8.26 -18.99
N SER A 92 1.77 -7.61 -19.14
CA SER A 92 3.06 -8.14 -18.65
C SER A 92 3.09 -8.17 -17.12
N PHE A 93 2.43 -7.19 -16.52
CA PHE A 93 2.34 -7.11 -15.06
C PHE A 93 1.44 -8.24 -14.53
N GLU A 94 0.35 -8.49 -15.22
CA GLU A 94 -0.58 -9.58 -14.87
C GLU A 94 0.12 -10.94 -14.93
N SER A 95 0.89 -11.14 -15.98
CA SER A 95 1.55 -12.41 -16.13
C SER A 95 2.76 -12.52 -15.19
N ALA A 96 3.24 -11.40 -14.66
CA ALA A 96 4.20 -11.44 -13.54
C ALA A 96 3.58 -12.21 -12.38
N SER A 97 2.40 -11.80 -11.95
CA SER A 97 1.68 -12.53 -10.88
C SER A 97 1.60 -14.04 -11.15
N GLU A 98 1.31 -14.41 -12.39
CA GLU A 98 1.22 -15.83 -12.75
C GLU A 98 2.54 -16.56 -12.56
N LEU A 99 3.65 -15.87 -12.80
CA LEU A 99 4.97 -16.46 -12.67
C LEU A 99 5.38 -16.76 -11.22
N ARG A 100 4.96 -15.94 -10.27
CA ARG A 100 5.24 -16.22 -8.86
C ARG A 100 4.55 -17.51 -8.41
N ILE A 101 3.32 -17.69 -8.88
CA ILE A 101 2.57 -18.87 -8.55
C ILE A 101 3.24 -20.07 -9.15
N GLN A 102 3.76 -19.95 -10.38
CA GLN A 102 4.47 -21.08 -10.98
C GLN A 102 5.65 -21.43 -10.08
N LEU A 103 6.44 -20.42 -9.69
CA LEU A 103 7.58 -20.63 -8.80
C LEU A 103 7.18 -21.29 -7.47
N ARG A 104 6.04 -20.93 -6.92
CA ARG A 104 5.55 -21.53 -5.70
C ARG A 104 5.29 -23.03 -5.88
N ARG A 105 4.48 -23.36 -6.88
CA ARG A 105 4.10 -24.74 -7.20
C ARG A 105 5.26 -25.72 -7.32
N THR A 106 6.44 -25.22 -7.69
CA THR A 106 7.66 -26.07 -7.75
C THR A 106 8.26 -26.30 -6.34
N HIS A 111 12.25 -19.95 0.23
CA HIS A 111 13.66 -19.85 0.60
C HIS A 111 14.60 -19.39 -0.55
N VAL A 112 14.09 -18.57 -1.47
CA VAL A 112 14.91 -18.04 -2.58
C VAL A 112 14.52 -16.58 -2.85
N PRO A 113 15.51 -15.67 -2.95
CA PRO A 113 15.19 -14.25 -3.27
C PRO A 113 14.46 -14.14 -4.58
N ILE A 114 13.38 -13.35 -4.61
CA ILE A 114 12.64 -13.02 -5.80
C ILE A 114 12.56 -11.49 -5.90
N ILE A 115 12.99 -10.92 -7.01
CA ILE A 115 12.90 -9.49 -7.25
C ILE A 115 11.84 -9.26 -8.33
N LEU A 116 10.85 -8.45 -8.02
CA LEU A 116 9.86 -7.99 -9.01
C LEU A 116 10.41 -6.68 -9.61
N VAL A 117 10.59 -6.66 -10.93
CA VAL A 117 11.17 -5.50 -11.58
C VAL A 117 10.19 -4.87 -12.53
N GLY A 118 9.94 -3.58 -12.32
CA GLY A 118 9.17 -2.77 -13.25
C GLY A 118 10.08 -2.03 -14.20
N ASN A 119 10.28 -2.56 -15.40
CA ASN A 119 11.19 -1.97 -16.38
C ASN A 119 10.46 -0.96 -17.28
N LYS A 120 11.22 -0.20 -18.04
CA LYS A 120 10.71 0.87 -18.90
C LYS A 120 10.12 2.05 -18.11
N ALA A 121 10.71 2.34 -16.94
CA ALA A 121 10.34 3.49 -16.08
C ALA A 121 10.40 4.83 -16.80
N ASP A 122 11.23 4.91 -17.83
CA ASP A 122 11.35 6.14 -18.65
C ASP A 122 10.11 6.45 -19.47
N LEU A 123 9.26 5.45 -19.69
CA LEU A 123 8.02 5.66 -20.44
C LEU A 123 6.96 6.17 -19.47
N ALA A 124 7.34 7.19 -18.70
CA ALA A 124 6.59 7.66 -17.56
C ALA A 124 5.24 8.23 -17.93
N ARG A 125 5.07 8.61 -19.20
CA ARG A 125 3.77 9.07 -19.76
C ARG A 125 2.84 7.93 -20.28
N CYS A 126 3.39 6.73 -20.54
CA CYS A 126 2.65 5.56 -21.02
C CYS A 126 2.27 4.62 -19.90
N ARG A 127 2.80 4.93 -18.73
CA ARG A 127 2.51 4.24 -17.49
C ARG A 127 1.11 3.67 -17.49
N GLU A 128 1.02 2.35 -17.43
CA GLU A 128 -0.25 1.65 -17.23
C GLU A 128 -0.29 1.02 -15.85
N VAL A 129 0.88 0.80 -15.25
CA VAL A 129 0.96 0.18 -13.94
C VAL A 129 1.58 1.15 -12.98
N SER A 130 0.84 1.50 -11.93
CA SER A 130 1.31 2.49 -10.99
C SER A 130 2.44 1.95 -10.14
N VAL A 131 3.20 2.86 -9.52
CA VAL A 131 4.22 2.48 -8.55
C VAL A 131 3.57 1.71 -7.41
N GLU A 132 2.41 2.19 -6.97
CA GLU A 132 1.69 1.61 -5.85
C GLU A 132 1.27 0.18 -6.18
N GLU A 133 0.94 -0.07 -7.43
CA GLU A 133 0.54 -1.41 -7.87
C GLU A 133 1.72 -2.36 -7.86
N GLY A 134 2.88 -1.89 -8.31
CA GLY A 134 4.11 -2.66 -8.22
C GLY A 134 4.47 -2.97 -6.78
N ARG A 135 4.34 -2.00 -5.91
CA ARG A 135 4.66 -2.21 -4.50
C ARG A 135 3.72 -3.24 -3.83
N ALA A 136 2.42 -3.08 -4.03
CA ALA A 136 1.40 -3.99 -3.49
C ALA A 136 1.70 -5.43 -3.89
N CYS A 137 2.13 -5.57 -5.13
CA CYS A 137 2.41 -6.87 -5.71
C CYS A 137 3.61 -7.56 -5.06
N ALA A 138 4.63 -6.77 -4.70
CA ALA A 138 5.75 -7.31 -3.95
C ALA A 138 5.28 -7.73 -2.55
N VAL A 139 4.43 -6.90 -1.94
CA VAL A 139 3.86 -7.23 -0.66
C VAL A 139 3.09 -8.55 -0.74
N VAL A 140 2.32 -8.75 -1.80
CA VAL A 140 1.51 -9.94 -1.94
C VAL A 140 2.40 -11.13 -2.27
N PHE A 141 3.46 -10.90 -3.04
CA PHE A 141 4.44 -11.94 -3.36
C PHE A 141 5.46 -12.20 -2.25
N ASP A 142 5.52 -11.31 -1.27
CA ASP A 142 6.54 -11.35 -0.18
C ASP A 142 7.96 -11.28 -0.74
N CYS A 143 8.25 -10.26 -1.55
CA CYS A 143 9.52 -10.19 -2.25
C CYS A 143 10.00 -8.75 -2.41
N LYS A 144 11.11 -8.52 -3.12
CA LYS A 144 11.66 -7.17 -3.23
C LYS A 144 11.25 -6.53 -4.54
N PHE A 145 11.29 -5.20 -4.59
CA PHE A 145 10.74 -4.43 -5.71
C PHE A 145 11.62 -3.25 -6.15
N ILE A 146 11.80 -3.10 -7.44
CA ILE A 146 12.51 -1.95 -7.96
C ILE A 146 11.99 -1.65 -9.36
N GLU A 147 12.07 -0.38 -9.75
CA GLU A 147 11.79 0.04 -11.11
C GLU A 147 13.10 0.45 -11.79
N THR A 148 13.26 -0.01 -13.03
CA THR A 148 14.46 0.25 -13.79
C THR A 148 14.12 0.82 -15.15
N SER A 149 15.16 1.29 -15.83
CA SER A 149 15.11 1.56 -17.26
C SER A 149 16.44 1.13 -17.87
N ALA A 150 16.40 0.21 -18.83
CA ALA A 150 17.60 -0.21 -19.53
C ALA A 150 18.09 0.86 -20.51
N THR A 151 17.18 1.66 -21.06
CA THR A 151 17.57 2.66 -22.07
C THR A 151 18.17 3.93 -21.44
N LEU A 152 17.75 4.27 -20.22
CA LEU A 152 18.39 5.35 -19.46
C LEU A 152 19.50 4.83 -18.56
N GLN A 153 19.65 3.51 -18.48
CA GLN A 153 20.61 2.89 -17.55
C GLN A 153 20.34 3.34 -16.11
N HIS A 154 19.09 3.20 -15.69
CA HIS A 154 18.68 3.63 -14.38
C HIS A 154 18.27 2.42 -13.55
N ASN A 155 18.88 2.30 -12.37
CA ASN A 155 18.63 1.23 -11.39
C ASN A 155 19.01 -0.16 -11.85
N VAL A 156 19.78 -0.27 -12.92
CA VAL A 156 20.18 -1.58 -13.41
C VAL A 156 21.30 -2.15 -12.58
N ALA A 157 22.37 -1.38 -12.39
CA ALA A 157 23.42 -1.77 -11.46
C ALA A 157 22.79 -2.04 -10.07
N GLU A 158 21.90 -1.18 -9.64
CA GLU A 158 21.28 -1.32 -8.34
C GLU A 158 20.42 -2.62 -8.24
N LEU A 159 19.81 -3.04 -9.36
CA LEU A 159 19.06 -4.31 -9.38
C LEU A 159 19.99 -5.47 -9.07
N PHE A 160 21.07 -5.60 -9.84
CA PHE A 160 21.95 -6.74 -9.67
C PHE A 160 22.75 -6.70 -8.37
N GLU A 161 23.18 -5.52 -7.94
CA GLU A 161 23.84 -5.36 -6.63
C GLU A 161 22.90 -5.74 -5.47
N GLY A 162 21.63 -5.42 -5.64
CA GLY A 162 20.59 -5.80 -4.69
C GLY A 162 20.38 -7.30 -4.63
N VAL A 163 20.38 -7.95 -5.79
CA VAL A 163 20.30 -9.41 -5.83
C VAL A 163 21.45 -10.04 -5.03
N VAL A 164 22.69 -9.57 -5.25
CA VAL A 164 23.84 -10.07 -4.48
C VAL A 164 23.56 -9.94 -2.99
N ARG A 165 23.15 -8.76 -2.55
CA ARG A 165 22.91 -8.53 -1.11
C ARG A 165 21.86 -9.48 -0.53
N GLN A 166 20.77 -9.68 -1.25
CA GLN A 166 19.72 -10.58 -0.81
C GLN A 166 20.21 -12.03 -0.71
N LEU A 167 21.03 -12.43 -1.68
CA LEU A 167 21.62 -13.77 -1.66
C LEU A 167 22.55 -13.96 -0.45
N ARG A 168 23.27 -12.92 -0.06
CA ARG A 168 24.17 -12.97 1.08
C ARG A 168 23.42 -13.04 2.41
N LEU A 169 22.19 -12.54 2.44
CA LEU A 169 21.37 -12.68 3.64
C LEU A 169 20.88 -14.12 3.83
N ARG A 170 20.75 -14.87 2.74
CA ARG A 170 20.47 -16.30 2.84
C ARG A 170 21.58 -16.98 3.67
N ARG A 171 22.81 -16.92 3.15
CA ARG A 171 23.99 -17.54 3.78
C ARG A 171 24.25 -17.17 5.25
N ARG A 172 23.94 -15.92 5.61
CA ARG A 172 24.02 -15.46 7.00
C ARG A 172 22.63 -15.08 7.50
N MET B 2 -35.22 -2.29 -8.78
CA MET B 2 -35.36 -3.79 -8.68
C MET B 2 -34.67 -4.50 -9.86
N ALA B 3 -34.12 -5.66 -9.57
CA ALA B 3 -33.20 -6.33 -10.48
C ALA B 3 -32.76 -7.60 -9.81
N LEU B 4 -32.20 -8.52 -10.60
CA LEU B 4 -31.75 -9.79 -10.07
C LEU B 4 -30.35 -10.07 -10.57
N TYR B 5 -29.44 -10.40 -9.64
CA TYR B 5 -28.06 -10.68 -9.95
C TYR B 5 -27.58 -12.02 -9.38
N ARG B 6 -26.74 -12.70 -10.13
CA ARG B 6 -26.17 -13.97 -9.72
C ARG B 6 -24.77 -13.70 -9.16
N VAL B 7 -24.58 -14.04 -7.89
CA VAL B 7 -23.34 -13.79 -7.20
C VAL B 7 -22.71 -15.14 -6.88
N VAL B 8 -21.48 -15.36 -7.32
CA VAL B 8 -20.83 -16.67 -7.15
C VAL B 8 -19.71 -16.61 -6.10
N LEU B 9 -19.80 -17.52 -5.12
CA LEU B 9 -18.81 -17.60 -4.02
C LEU B 9 -17.71 -18.59 -4.37
N LEU B 10 -16.47 -18.12 -4.38
CA LEU B 10 -15.30 -18.93 -4.69
C LEU B 10 -14.34 -19.00 -3.51
N GLY B 11 -13.45 -19.99 -3.51
CA GLY B 11 -12.42 -20.13 -2.48
C GLY B 11 -12.20 -21.54 -2.01
N ASP B 12 -11.08 -21.78 -1.36
CA ASP B 12 -10.73 -23.10 -0.85
C ASP B 12 -11.75 -23.63 0.17
N PRO B 13 -11.78 -24.95 0.37
CA PRO B 13 -12.66 -25.48 1.41
C PRO B 13 -12.23 -24.97 2.77
N GLY B 14 -13.19 -24.73 3.65
CA GLY B 14 -12.89 -24.38 5.04
C GLY B 14 -12.78 -22.91 5.35
N VAL B 15 -12.85 -22.04 4.32
CA VAL B 15 -12.68 -20.61 4.53
C VAL B 15 -13.94 -19.91 5.02
N GLY B 16 -15.09 -20.56 4.91
CA GLY B 16 -16.36 -20.01 5.41
C GLY B 16 -17.42 -19.64 4.39
N LYS B 17 -17.31 -20.17 3.19
CA LYS B 17 -18.23 -19.83 2.08
C LYS B 17 -19.69 -20.13 2.45
N THR B 18 -19.93 -21.37 2.88
CA THR B 18 -21.26 -21.79 3.22
C THR B 18 -21.80 -20.98 4.42
N SER B 19 -20.92 -20.65 5.36
CA SER B 19 -21.33 -19.87 6.51
C SER B 19 -21.74 -18.46 6.10
N LEU B 20 -21.01 -17.82 5.20
CA LEU B 20 -21.41 -16.49 4.68
C LEU B 20 -22.75 -16.57 3.95
N ALA B 21 -22.92 -17.63 3.15
CA ALA B 21 -24.17 -17.82 2.37
C ALA B 21 -25.38 -18.03 3.27
N SER B 22 -25.19 -18.78 4.35
CA SER B 22 -26.27 -19.06 5.26
C SER B 22 -26.70 -17.80 6.00
N LEU B 23 -25.75 -16.98 6.41
CA LEU B 23 -26.10 -15.68 7.02
C LEU B 23 -26.82 -14.80 6.00
N PHE B 24 -26.38 -14.84 4.75
CA PHE B 24 -27.07 -14.11 3.69
C PHE B 24 -28.50 -14.60 3.50
N ALA B 25 -28.71 -15.90 3.45
CA ALA B 25 -30.06 -16.44 3.25
C ALA B 25 -30.91 -16.23 4.49
N GLY B 26 -30.23 -16.33 5.61
CA GLY B 26 -30.64 -17.24 6.67
C GLY B 26 -31.61 -16.82 7.69
N LYS B 27 -32.88 -17.00 7.36
CA LYS B 27 -33.93 -17.18 8.33
C LYS B 27 -34.86 -18.11 7.59
N GLN B 28 -34.41 -19.35 7.41
CA GLN B 28 -35.05 -20.29 6.50
C GLN B 28 -36.29 -20.92 7.17
N GLU B 29 -37.48 -20.52 6.72
CA GLU B 29 -38.72 -21.01 7.32
C GLU B 29 -38.77 -22.54 7.33
N ARG B 30 -38.50 -23.14 6.16
CA ARG B 30 -38.61 -24.59 5.96
C ARG B 30 -37.61 -25.12 4.92
N ASP B 31 -37.42 -26.43 4.92
CA ASP B 31 -36.64 -27.12 3.89
C ASP B 31 -37.50 -27.30 2.62
N LEU B 32 -37.11 -26.62 1.54
CA LEU B 32 -37.91 -26.55 0.30
C LEU B 32 -37.76 -27.84 -0.52
N HIS B 33 -38.64 -28.79 -0.26
CA HIS B 33 -38.58 -30.12 -0.88
C HIS B 33 -38.82 -30.06 -2.38
N GLU B 34 -39.66 -29.14 -2.84
CA GLU B 34 -39.98 -29.01 -4.27
C GLU B 34 -38.91 -28.27 -5.07
N GLN B 35 -37.96 -27.64 -4.38
CA GLN B 35 -36.89 -26.85 -5.02
C GLN B 35 -35.89 -27.78 -5.72
N LEU B 36 -35.65 -27.55 -7.00
CA LEU B 36 -34.65 -28.30 -7.73
C LEU B 36 -33.26 -27.81 -7.33
N GLY B 37 -32.38 -28.74 -7.02
CA GLY B 37 -31.02 -28.40 -6.63
C GLY B 37 -30.92 -27.84 -5.23
N GLU B 38 -29.70 -27.77 -4.73
CA GLU B 38 -29.41 -27.22 -3.42
C GLU B 38 -28.25 -26.21 -3.49
N ASP B 39 -28.07 -25.44 -2.43
CA ASP B 39 -26.90 -24.56 -2.26
C ASP B 39 -26.92 -23.35 -3.20
N VAL B 40 -28.10 -22.98 -3.66
CA VAL B 40 -28.37 -21.63 -4.18
C VAL B 40 -29.24 -20.98 -3.13
N TYR B 41 -28.93 -19.72 -2.83
CA TYR B 41 -29.53 -18.94 -1.74
C TYR B 41 -30.03 -17.64 -2.34
N GLU B 42 -31.24 -17.24 -2.00
CA GLU B 42 -31.91 -16.14 -2.68
C GLU B 42 -32.50 -15.19 -1.64
N ARG B 43 -32.18 -13.91 -1.75
CA ARG B 43 -32.80 -12.92 -0.87
C ARG B 43 -32.83 -11.54 -1.53
N THR B 44 -33.90 -10.80 -1.26
CA THR B 44 -34.06 -9.44 -1.74
C THR B 44 -33.62 -8.44 -0.65
N LEU B 45 -32.64 -7.62 -0.97
CA LEU B 45 -32.06 -6.70 0.00
C LEU B 45 -32.43 -5.28 -0.34
N THR B 46 -32.71 -4.50 0.68
CA THR B 46 -32.97 -3.11 0.55
C THR B 46 -31.68 -2.35 0.86
N VAL B 47 -31.21 -1.59 -0.12
CA VAL B 47 -29.95 -0.86 -0.03
C VAL B 47 -30.18 0.51 -0.65
N ASP B 48 -29.72 1.57 0.05
CA ASP B 48 -29.93 2.94 -0.38
C ASP B 48 -31.39 3.17 -0.86
N GLY B 49 -32.34 2.66 -0.09
CA GLY B 49 -33.77 2.86 -0.35
C GLY B 49 -34.39 2.06 -1.48
N GLU B 50 -33.63 1.10 -2.01
CA GLU B 50 -33.99 0.38 -3.23
C GLU B 50 -33.80 -1.12 -3.07
N ASP B 51 -34.72 -1.90 -3.58
CA ASP B 51 -34.65 -3.36 -3.43
C ASP B 51 -33.90 -4.00 -4.60
N THR B 52 -33.14 -5.03 -4.29
CA THR B 52 -32.38 -5.81 -5.27
C THR B 52 -32.30 -7.24 -4.80
N THR B 53 -32.57 -8.20 -5.68
CA THR B 53 -32.46 -9.63 -5.34
C THR B 53 -31.12 -10.18 -5.76
N LEU B 54 -30.44 -10.84 -4.84
CA LEU B 54 -29.24 -11.56 -5.18
C LEU B 54 -29.54 -13.03 -5.06
N VAL B 55 -29.00 -13.79 -6.00
CA VAL B 55 -28.94 -15.23 -5.88
C VAL B 55 -27.47 -15.55 -5.63
N VAL B 56 -27.19 -16.13 -4.47
CA VAL B 56 -25.83 -16.41 -4.06
C VAL B 56 -25.61 -17.88 -4.28
N VAL B 57 -24.59 -18.20 -5.08
CA VAL B 57 -24.27 -19.56 -5.47
C VAL B 57 -23.05 -20.07 -4.70
N ASP B 58 -23.18 -21.25 -4.07
CA ASP B 58 -22.16 -21.82 -3.20
C ASP B 58 -21.91 -23.28 -3.58
N THR B 59 -21.40 -23.48 -4.79
CA THR B 59 -21.20 -24.84 -5.32
C THR B 59 -19.77 -25.10 -5.80
N TRP B 60 -18.87 -24.17 -5.48
CA TRP B 60 -17.49 -24.25 -5.91
C TRP B 60 -16.74 -25.37 -5.18
N GLU B 61 -16.17 -26.32 -5.92
CA GLU B 61 -15.34 -27.38 -5.33
C GLU B 61 -13.85 -27.06 -5.47
N SER B 68 -20.51 -30.98 -12.90
CA SER B 68 -19.30 -30.80 -13.72
C SER B 68 -19.55 -29.68 -14.74
N TRP B 69 -20.67 -29.77 -15.47
CA TRP B 69 -21.13 -28.63 -16.28
C TRP B 69 -21.33 -27.39 -15.39
N SER B 70 -22.01 -27.54 -14.26
CA SER B 70 -22.36 -26.37 -13.43
C SER B 70 -21.17 -25.82 -12.62
N GLN B 71 -20.22 -26.69 -12.27
CA GLN B 71 -18.94 -26.28 -11.68
C GLN B 71 -18.04 -25.69 -12.76
N GLU B 72 -18.00 -26.32 -13.93
CA GLU B 72 -17.22 -25.83 -15.07
C GLU B 72 -17.75 -24.53 -15.71
N SER B 73 -18.96 -24.09 -15.33
CA SER B 73 -19.64 -22.97 -16.03
C SER B 73 -19.82 -21.72 -15.19
N CYS B 74 -19.73 -21.86 -13.87
CA CYS B 74 -20.02 -20.75 -12.96
C CYS B 74 -18.88 -19.74 -12.88
N LEU B 75 -17.75 -20.03 -13.53
CA LEU B 75 -16.73 -19.02 -13.72
C LEU B 75 -17.07 -18.15 -14.94
N GLN B 76 -18.24 -18.38 -15.52
CA GLN B 76 -18.64 -17.70 -16.76
C GLN B 76 -19.89 -16.80 -16.61
N GLY B 77 -20.89 -17.25 -15.86
CA GLY B 77 -22.18 -16.55 -15.85
C GLY B 77 -22.36 -15.46 -14.80
N GLY B 78 -21.39 -15.32 -13.88
CA GLY B 78 -21.65 -14.56 -12.68
C GLY B 78 -21.82 -13.07 -12.96
N SER B 79 -22.78 -12.45 -12.28
CA SER B 79 -22.88 -10.99 -12.31
C SER B 79 -21.75 -10.41 -11.45
N ALA B 80 -21.40 -11.12 -10.37
CA ALA B 80 -20.34 -10.73 -9.43
C ALA B 80 -19.71 -11.98 -8.84
N TYR B 81 -18.43 -11.87 -8.45
CA TYR B 81 -17.71 -12.97 -7.82
C TYR B 81 -17.15 -12.54 -6.48
N VAL B 82 -17.39 -13.36 -5.46
CA VAL B 82 -16.84 -13.15 -4.15
C VAL B 82 -15.81 -14.24 -3.91
N ILE B 83 -14.53 -13.86 -3.96
CA ILE B 83 -13.41 -14.75 -3.66
C ILE B 83 -13.06 -14.67 -2.17
N VAL B 84 -13.37 -15.72 -1.41
CA VAL B 84 -13.18 -15.74 0.05
C VAL B 84 -11.92 -16.52 0.42
N TYR B 85 -11.11 -15.98 1.33
CA TYR B 85 -10.02 -16.73 1.99
C TYR B 85 -10.15 -16.59 3.50
N SER B 86 -9.38 -17.39 4.26
CA SER B 86 -9.28 -17.25 5.71
C SER B 86 -8.01 -16.53 6.08
N ILE B 87 -8.16 -15.48 6.88
CA ILE B 87 -6.99 -14.72 7.34
C ILE B 87 -6.05 -15.56 8.21
N ALA B 88 -6.50 -16.73 8.66
CA ALA B 88 -5.67 -17.68 9.44
C ALA B 88 -5.00 -18.80 8.63
N ASP B 89 -5.19 -18.78 7.30
CA ASP B 89 -4.68 -19.85 6.43
C ASP B 89 -4.05 -19.25 5.19
N ARG B 90 -2.73 -19.04 5.25
CA ARG B 90 -1.92 -18.56 4.14
C ARG B 90 -2.25 -19.25 2.81
N GLY B 91 -2.35 -20.58 2.83
CA GLY B 91 -2.66 -21.36 1.63
C GLY B 91 -3.94 -20.94 0.93
N SER B 92 -4.98 -20.60 1.69
CA SER B 92 -6.26 -20.15 1.13
C SER B 92 -6.11 -18.77 0.47
N PHE B 93 -5.29 -17.92 1.06
CA PHE B 93 -5.02 -16.61 0.48
C PHE B 93 -4.25 -16.74 -0.84
N GLU B 94 -3.29 -17.65 -0.90
CA GLU B 94 -2.55 -17.91 -2.12
C GLU B 94 -3.48 -18.43 -3.22
N SER B 95 -4.43 -19.28 -2.84
CA SER B 95 -5.44 -19.82 -3.77
C SER B 95 -6.45 -18.75 -4.22
N ALA B 96 -6.58 -17.68 -3.43
CA ALA B 96 -7.29 -16.46 -3.86
C ALA B 96 -6.70 -15.90 -5.12
N SER B 97 -5.41 -15.61 -5.10
CA SER B 97 -4.73 -15.13 -6.32
C SER B 97 -4.92 -16.08 -7.50
N GLU B 98 -4.81 -17.40 -7.28
CA GLU B 98 -4.98 -18.34 -8.41
C GLU B 98 -6.38 -18.22 -9.00
N LEU B 99 -7.39 -18.09 -8.14
CA LEU B 99 -8.75 -17.99 -8.63
C LEU B 99 -8.99 -16.70 -9.39
N ARG B 100 -8.39 -15.60 -8.98
CA ARG B 100 -8.51 -14.35 -9.74
C ARG B 100 -8.01 -14.52 -11.17
N ILE B 101 -6.92 -15.24 -11.33
CA ILE B 101 -6.34 -15.41 -12.65
C ILE B 101 -7.23 -16.33 -13.51
N GLN B 102 -7.82 -17.32 -12.89
CA GLN B 102 -8.79 -18.19 -13.56
C GLN B 102 -9.97 -17.39 -14.09
N LEU B 103 -10.44 -16.41 -13.31
CA LEU B 103 -11.50 -15.49 -13.75
C LEU B 103 -11.07 -14.64 -14.93
N ARG B 104 -9.90 -14.03 -14.83
CA ARG B 104 -9.34 -13.21 -15.89
C ARG B 104 -9.28 -13.96 -17.24
N ARG B 105 -8.93 -15.24 -17.19
CA ARG B 105 -8.88 -16.09 -18.39
C ARG B 105 -10.27 -16.31 -19.02
N THR B 106 -11.30 -16.42 -18.18
CA THR B 106 -12.68 -16.63 -18.65
C THR B 106 -13.10 -15.72 -19.81
N VAL B 112 -17.24 -6.23 -14.21
CA VAL B 112 -17.84 -7.29 -13.40
C VAL B 112 -17.23 -7.32 -12.00
N PRO B 113 -17.99 -6.88 -10.99
CA PRO B 113 -17.36 -6.70 -9.68
C PRO B 113 -16.78 -7.98 -9.13
N ILE B 114 -15.61 -7.86 -8.51
CA ILE B 114 -14.99 -8.95 -7.78
C ILE B 114 -14.65 -8.43 -6.39
N ILE B 115 -15.11 -9.15 -5.37
CA ILE B 115 -14.83 -8.81 -3.99
C ILE B 115 -13.88 -9.86 -3.45
N LEU B 116 -12.75 -9.41 -2.91
CA LEU B 116 -11.83 -10.29 -2.18
C LEU B 116 -12.23 -10.21 -0.71
N VAL B 117 -12.53 -11.36 -0.11
CA VAL B 117 -12.99 -11.40 1.26
C VAL B 117 -12.07 -12.17 2.21
N GLY B 118 -11.56 -11.47 3.22
CA GLY B 118 -10.77 -12.10 4.27
C GLY B 118 -11.70 -12.49 5.41
N ASN B 119 -12.09 -13.75 5.46
CA ASN B 119 -13.02 -14.22 6.50
C ASN B 119 -12.27 -14.77 7.71
N LYS B 120 -12.99 -14.97 8.80
CA LYS B 120 -12.43 -15.41 10.08
C LYS B 120 -11.55 -14.34 10.74
N ALA B 121 -11.94 -13.08 10.59
CA ALA B 121 -11.23 -11.94 11.21
C ALA B 121 -11.20 -11.99 12.74
N ASP B 122 -12.16 -12.71 13.34
CA ASP B 122 -12.16 -12.94 14.79
C ASP B 122 -10.98 -13.74 15.28
N LEU B 123 -10.32 -14.49 14.39
CA LEU B 123 -9.19 -15.31 14.78
C LEU B 123 -7.93 -14.47 14.77
N ALA B 124 -7.92 -13.39 15.53
CA ALA B 124 -6.84 -12.41 15.51
C ALA B 124 -5.53 -13.07 15.93
N ARG B 125 -5.61 -13.94 16.94
CA ARG B 125 -4.49 -14.72 17.46
C ARG B 125 -3.78 -15.62 16.43
N CYS B 126 -4.53 -16.24 15.51
CA CYS B 126 -3.94 -17.18 14.52
C CYS B 126 -3.60 -16.48 13.24
N ARG B 127 -4.03 -15.24 13.09
CA ARG B 127 -3.83 -14.50 11.85
C ARG B 127 -2.47 -14.86 11.22
N GLU B 128 -2.49 -15.29 9.96
CA GLU B 128 -1.26 -15.51 9.18
C GLU B 128 -1.09 -14.51 8.03
N VAL B 129 -2.19 -13.90 7.59
CA VAL B 129 -2.24 -13.02 6.43
C VAL B 129 -2.68 -11.68 6.96
N SER B 130 -1.89 -10.63 6.80
CA SER B 130 -2.22 -9.34 7.41
C SER B 130 -3.23 -8.57 6.57
N VAL B 131 -3.76 -7.49 7.15
CA VAL B 131 -4.76 -6.66 6.48
C VAL B 131 -4.12 -5.95 5.31
N GLU B 132 -2.96 -5.37 5.58
CA GLU B 132 -2.13 -4.73 4.57
C GLU B 132 -1.90 -5.66 3.39
N GLU B 133 -1.57 -6.93 3.67
CA GLU B 133 -1.44 -7.96 2.63
C GLU B 133 -2.73 -8.23 1.86
N GLY B 134 -3.86 -8.22 2.56
CA GLY B 134 -5.15 -8.41 1.91
C GLY B 134 -5.53 -7.24 0.99
N ARG B 135 -5.26 -6.02 1.43
CA ARG B 135 -5.52 -4.84 0.64
C ARG B 135 -4.67 -4.76 -0.62
N ALA B 136 -3.38 -5.02 -0.47
CA ALA B 136 -2.42 -5.01 -1.59
C ALA B 136 -2.91 -5.94 -2.72
N CYS B 137 -3.44 -7.08 -2.29
CA CYS B 137 -3.92 -8.10 -3.18
C CYS B 137 -5.12 -7.61 -3.98
N ALA B 138 -6.03 -6.92 -3.31
CA ALA B 138 -7.13 -6.21 -3.98
C ALA B 138 -6.64 -5.12 -4.94
N VAL B 139 -5.61 -4.39 -4.54
CA VAL B 139 -5.00 -3.40 -5.42
C VAL B 139 -4.43 -4.05 -6.69
N VAL B 140 -3.65 -5.12 -6.53
CA VAL B 140 -3.00 -5.76 -7.66
C VAL B 140 -4.01 -6.31 -8.66
N PHE B 141 -5.14 -6.79 -8.15
CA PHE B 141 -6.23 -7.30 -8.99
C PHE B 141 -7.24 -6.18 -9.37
N ASP B 142 -7.05 -4.97 -8.83
CA ASP B 142 -8.00 -3.84 -9.01
C ASP B 142 -9.46 -4.24 -8.71
N CYS B 143 -9.67 -4.89 -7.55
CA CYS B 143 -11.01 -5.28 -7.09
C CYS B 143 -11.31 -4.65 -5.70
N LYS B 144 -12.41 -5.05 -5.05
CA LYS B 144 -12.78 -4.48 -3.76
C LYS B 144 -12.43 -5.45 -2.63
N PHE B 145 -12.26 -4.93 -1.42
CA PHE B 145 -11.77 -5.71 -0.30
C PHE B 145 -12.51 -5.48 1.01
N ILE B 146 -12.81 -6.56 1.73
CA ILE B 146 -13.38 -6.44 3.06
C ILE B 146 -12.98 -7.66 3.89
N GLU B 147 -12.86 -7.46 5.21
CA GLU B 147 -12.66 -8.56 6.15
C GLU B 147 -13.94 -8.81 6.95
N THR B 148 -14.36 -10.07 7.02
CA THR B 148 -15.59 -10.43 7.71
C THR B 148 -15.33 -11.48 8.77
N SER B 149 -16.36 -11.74 9.59
CA SER B 149 -16.42 -12.93 10.45
C SER B 149 -17.86 -13.43 10.44
N ALA B 150 -18.05 -14.66 10.00
CA ALA B 150 -19.35 -15.26 10.02
C ALA B 150 -19.82 -15.61 11.43
N THR B 151 -18.89 -15.94 12.33
CA THR B 151 -19.22 -16.37 13.69
C THR B 151 -19.52 -15.19 14.62
N LEU B 152 -18.88 -14.04 14.37
CA LEU B 152 -19.25 -12.79 15.07
C LEU B 152 -20.31 -11.97 14.34
N GLN B 153 -20.70 -12.44 13.15
CA GLN B 153 -21.61 -11.71 12.28
C GLN B 153 -21.13 -10.27 12.09
N HIS B 154 -19.87 -10.15 11.67
CA HIS B 154 -19.25 -8.87 11.45
C HIS B 154 -18.92 -8.68 9.98
N ASN B 155 -19.44 -7.58 9.41
CA ASN B 155 -19.23 -7.16 8.01
C ASN B 155 -19.89 -8.06 6.96
N VAL B 156 -20.75 -8.99 7.39
CA VAL B 156 -21.38 -9.89 6.45
C VAL B 156 -22.49 -9.14 5.69
N ALA B 157 -23.38 -8.48 6.42
CA ALA B 157 -24.37 -7.64 5.77
C ALA B 157 -23.65 -6.64 4.89
N GLU B 158 -22.60 -6.03 5.40
CA GLU B 158 -21.85 -5.02 4.63
C GLU B 158 -21.25 -5.63 3.34
N LEU B 159 -20.85 -6.88 3.39
CA LEU B 159 -20.32 -7.54 2.18
C LEU B 159 -21.37 -7.55 1.09
N PHE B 160 -22.54 -8.11 1.42
CA PHE B 160 -23.59 -8.31 0.47
C PHE B 160 -24.24 -7.00 0.00
N GLU B 161 -24.41 -6.05 0.91
CA GLU B 161 -24.86 -4.70 0.54
C GLU B 161 -23.86 -4.01 -0.40
N GLY B 162 -22.57 -4.23 -0.16
CA GLY B 162 -21.51 -3.69 -1.00
C GLY B 162 -21.51 -4.27 -2.40
N VAL B 163 -21.74 -5.58 -2.50
CA VAL B 163 -21.92 -6.24 -3.80
C VAL B 163 -23.07 -5.60 -4.62
N VAL B 164 -24.20 -5.35 -3.96
CA VAL B 164 -25.34 -4.68 -4.62
C VAL B 164 -24.89 -3.31 -5.16
N ARG B 165 -24.23 -2.51 -4.33
CA ARG B 165 -23.78 -1.18 -4.75
C ARG B 165 -22.83 -1.23 -5.96
N GLN B 166 -21.89 -2.16 -5.94
CA GLN B 166 -20.96 -2.31 -7.05
C GLN B 166 -21.67 -2.71 -8.35
N LEU B 167 -22.65 -3.60 -8.23
CA LEU B 167 -23.41 -4.02 -9.40
C LEU B 167 -24.23 -2.87 -9.98
N ARG B 168 -24.71 -1.97 -9.12
CA ARG B 168 -25.49 -0.82 -9.56
C ARG B 168 -24.62 0.22 -10.22
N LEU B 169 -23.38 0.31 -9.77
CA LEU B 169 -22.45 1.29 -10.30
C LEU B 169 -22.21 1.05 -11.79
N ARG B 170 -22.00 -0.21 -12.15
CA ARG B 170 -21.64 -0.56 -13.52
C ARG B 170 -22.80 -0.43 -14.53
N ARG B 171 -24.04 -0.38 -14.05
CA ARG B 171 -25.23 -0.14 -14.90
C ARG B 171 -25.71 1.33 -14.88
N ARG B 172 -25.30 2.09 -13.87
CA ARG B 172 -25.54 3.55 -13.82
C ARG B 172 -24.37 4.29 -14.49
N MET C 2 -4.42 -11.86 22.24
CA MET C 2 -5.13 -10.74 21.55
C MET C 2 -6.43 -11.18 20.82
N ALA C 3 -7.12 -10.21 20.23
CA ALA C 3 -8.47 -10.42 19.78
C ALA C 3 -8.98 -9.26 18.93
N LEU C 4 -10.14 -9.48 18.33
CA LEU C 4 -10.73 -8.51 17.46
C LEU C 4 -12.15 -8.25 17.92
N TYR C 5 -12.49 -6.97 18.04
CA TYR C 5 -13.80 -6.59 18.50
C TYR C 5 -14.44 -5.53 17.59
N ARG C 6 -15.75 -5.65 17.43
CA ARG C 6 -16.53 -4.72 16.64
C ARG C 6 -17.12 -3.66 17.57
N VAL C 7 -16.74 -2.41 17.34
CA VAL C 7 -17.19 -1.30 18.19
C VAL C 7 -18.06 -0.43 17.33
N VAL C 8 -19.29 -0.17 17.78
CA VAL C 8 -20.24 0.58 16.99
C VAL C 8 -20.46 1.96 17.58
N LEU C 9 -20.28 3.01 16.75
CA LEU C 9 -20.49 4.40 17.14
C LEU C 9 -21.92 4.87 16.84
N LEU C 10 -22.66 5.27 17.87
CA LEU C 10 -24.04 5.76 17.73
C LEU C 10 -24.14 7.21 18.21
N GLY C 11 -25.20 7.90 17.81
CA GLY C 11 -25.46 9.29 18.22
C GLY C 11 -25.97 10.16 17.08
N ASP C 12 -26.64 11.24 17.43
CA ASP C 12 -27.23 12.15 16.44
C ASP C 12 -26.18 12.76 15.51
N PRO C 13 -26.58 13.20 14.33
CA PRO C 13 -25.63 13.88 13.44
C PRO C 13 -25.05 15.12 14.08
N GLY C 14 -23.77 15.37 13.82
CA GLY C 14 -23.11 16.60 14.28
C GLY C 14 -22.41 16.53 15.62
N VAL C 15 -22.51 15.40 16.32
CA VAL C 15 -21.92 15.30 17.64
C VAL C 15 -20.42 14.98 17.61
N GLY C 16 -19.93 14.51 16.46
CA GLY C 16 -18.51 14.26 16.29
C GLY C 16 -18.11 12.80 16.19
N LYS C 17 -19.03 11.96 15.71
CA LYS C 17 -18.77 10.51 15.55
C LYS C 17 -17.65 10.25 14.55
N THR C 18 -17.76 10.83 13.35
CA THR C 18 -16.76 10.63 12.31
C THR C 18 -15.40 11.19 12.73
N SER C 19 -15.41 12.29 13.46
CA SER C 19 -14.16 12.90 13.96
C SER C 19 -13.43 12.03 14.96
N LEU C 20 -14.17 11.42 15.88
CA LEU C 20 -13.58 10.47 16.83
C LEU C 20 -13.00 9.27 16.07
N ALA C 21 -13.76 8.76 15.09
CA ALA C 21 -13.33 7.58 14.32
C ALA C 21 -12.04 7.87 13.54
N SER C 22 -11.95 9.06 12.96
CA SER C 22 -10.79 9.41 12.14
C SER C 22 -9.54 9.52 12.99
N LEU C 23 -9.68 10.06 14.20
CA LEU C 23 -8.54 10.10 15.13
C LEU C 23 -8.17 8.69 15.54
N PHE C 24 -9.16 7.82 15.70
CA PHE C 24 -8.89 6.43 15.98
C PHE C 24 -8.16 5.74 14.82
N ALA C 25 -8.57 6.02 13.60
CA ALA C 25 -7.91 5.43 12.43
C ALA C 25 -6.46 5.88 12.29
N GLY C 26 -6.20 7.16 12.56
CA GLY C 26 -4.87 7.73 12.31
C GLY C 26 -4.78 8.21 10.87
N LYS C 27 -3.56 8.52 10.42
CA LYS C 27 -3.33 9.12 9.08
C LYS C 27 -3.71 8.19 7.92
N HIS C 33 -9.58 3.35 -4.83
CA HIS C 33 -9.42 2.73 -3.52
C HIS C 33 -10.21 1.43 -3.44
N GLU C 34 -9.61 0.46 -2.77
CA GLU C 34 -9.96 -0.92 -2.91
C GLU C 34 -10.86 -1.41 -1.75
N GLN C 35 -11.06 -0.59 -0.73
CA GLN C 35 -11.89 -1.01 0.38
C GLN C 35 -13.37 -1.01 -0.05
N LEU C 36 -14.05 -2.11 0.23
CA LEU C 36 -15.48 -2.16 -0.01
C LEU C 36 -16.18 -1.34 1.06
N GLY C 37 -16.95 -0.34 0.62
CA GLY C 37 -17.74 0.44 1.54
C GLY C 37 -16.96 1.48 2.31
N GLU C 38 -17.70 2.39 2.91
CA GLU C 38 -17.09 3.52 3.60
C GLU C 38 -17.32 3.36 5.10
N ASP C 39 -16.62 4.19 5.86
CA ASP C 39 -16.96 4.47 7.26
C ASP C 39 -16.75 3.30 8.26
N VAL C 40 -15.85 2.37 7.90
CA VAL C 40 -15.32 1.40 8.88
C VAL C 40 -13.79 1.52 8.95
N TYR C 41 -13.29 1.53 10.20
CA TYR C 41 -11.93 1.91 10.59
C TYR C 41 -11.37 0.84 11.48
N GLU C 42 -10.13 0.46 11.21
CA GLU C 42 -9.51 -0.66 11.90
C GLU C 42 -8.13 -0.29 12.41
N ARG C 43 -7.86 -0.61 13.67
CA ARG C 43 -6.54 -0.39 14.23
C ARG C 43 -6.26 -1.36 15.36
N THR C 44 -4.99 -1.77 15.47
CA THR C 44 -4.51 -2.61 16.58
C THR C 44 -3.87 -1.74 17.63
N LEU C 45 -4.41 -1.77 18.84
CA LEU C 45 -3.92 -0.92 19.93
C LEU C 45 -3.21 -1.75 20.98
N THR C 46 -2.13 -1.18 21.51
CA THR C 46 -1.36 -1.76 22.60
C THR C 46 -1.85 -1.12 23.88
N VAL C 47 -2.38 -1.95 24.78
CA VAL C 47 -2.93 -1.50 26.05
C VAL C 47 -2.50 -2.46 27.13
N ASP C 48 -2.05 -1.95 28.27
CA ASP C 48 -1.52 -2.80 29.35
C ASP C 48 -0.56 -3.89 28.82
N GLY C 49 0.32 -3.51 27.89
CA GLY C 49 1.33 -4.40 27.32
C GLY C 49 0.83 -5.46 26.34
N GLU C 50 -0.42 -5.34 25.90
CA GLU C 50 -1.09 -6.39 25.14
C GLU C 50 -1.86 -5.78 23.96
N ASP C 51 -1.76 -6.40 22.79
CA ASP C 51 -2.37 -5.84 21.57
C ASP C 51 -3.81 -6.33 21.41
N THR C 52 -4.67 -5.44 20.90
CA THR C 52 -6.06 -5.76 20.59
C THR C 52 -6.47 -4.96 19.38
N THR C 53 -7.15 -5.61 18.44
CA THR C 53 -7.71 -4.93 17.27
C THR C 53 -9.15 -4.51 17.51
N LEU C 54 -9.43 -3.25 17.24
CA LEU C 54 -10.79 -2.76 17.21
C LEU C 54 -11.16 -2.44 15.76
N VAL C 55 -12.35 -2.83 15.37
CA VAL C 55 -12.96 -2.36 14.13
C VAL C 55 -14.06 -1.40 14.56
N VAL C 56 -13.91 -0.13 14.22
CA VAL C 56 -14.83 0.90 14.68
C VAL C 56 -15.77 1.22 13.53
N VAL C 57 -17.07 1.03 13.76
CA VAL C 57 -18.08 1.20 12.73
C VAL C 57 -18.78 2.57 12.92
N ASP C 58 -18.88 3.34 11.84
CA ASP C 58 -19.42 4.73 11.84
C ASP C 58 -20.44 4.88 10.72
N THR C 59 -21.51 4.10 10.80
CA THR C 59 -22.52 4.08 9.73
C THR C 59 -23.94 4.37 10.25
N TRP C 60 -24.05 4.82 11.50
CA TRP C 60 -25.34 5.07 12.12
C TRP C 60 -26.01 6.30 11.54
N GLU C 61 -27.22 6.11 11.04
CA GLU C 61 -28.03 7.18 10.49
C GLU C 61 -29.19 7.54 11.44
N SER C 68 -32.89 -1.80 5.82
CA SER C 68 -31.59 -2.36 5.43
C SER C 68 -31.03 -3.32 6.47
N TRP C 69 -30.52 -4.45 6.01
CA TRP C 69 -29.94 -5.50 6.86
C TRP C 69 -28.88 -5.01 7.86
N SER C 70 -27.87 -4.28 7.40
CA SER C 70 -26.82 -3.77 8.28
C SER C 70 -27.35 -2.81 9.35
N GLN C 71 -28.41 -2.08 9.03
CA GLN C 71 -29.10 -1.24 10.03
C GLN C 71 -29.96 -2.10 11.00
N GLU C 72 -30.74 -3.04 10.46
CA GLU C 72 -31.50 -3.99 11.30
C GLU C 72 -30.65 -4.68 12.38
N SER C 73 -29.39 -5.00 12.08
CA SER C 73 -28.54 -5.75 13.02
C SER C 73 -27.48 -4.89 13.71
N CYS C 74 -27.48 -3.61 13.43
CA CYS C 74 -26.52 -2.71 14.03
C CYS C 74 -26.60 -2.74 15.56
N LEU C 75 -27.81 -2.64 16.09
CA LEU C 75 -27.98 -2.63 17.55
C LEU C 75 -27.89 -4.03 18.16
N GLN C 76 -27.62 -5.04 17.34
CA GLN C 76 -27.47 -6.42 17.81
C GLN C 76 -26.01 -6.91 17.76
N GLY C 77 -25.30 -6.61 16.68
CA GLY C 77 -24.03 -7.29 16.37
C GLY C 77 -22.73 -6.73 16.96
N GLY C 78 -22.80 -5.73 17.85
CA GLY C 78 -21.59 -5.08 18.34
C GLY C 78 -20.99 -5.76 19.56
N SER C 79 -19.66 -5.77 19.65
CA SER C 79 -19.00 -6.21 20.87
C SER C 79 -19.11 -5.12 21.92
N ALA C 80 -19.08 -3.86 21.47
CA ALA C 80 -19.21 -2.70 22.35
C ALA C 80 -19.90 -1.55 21.61
N TYR C 81 -20.60 -0.71 22.36
CA TYR C 81 -21.27 0.47 21.79
C TYR C 81 -20.74 1.74 22.43
N VAL C 82 -20.40 2.72 21.62
CA VAL C 82 -20.03 4.05 22.08
C VAL C 82 -21.13 5.01 21.60
N ILE C 83 -21.97 5.45 22.54
CA ILE C 83 -23.03 6.41 22.28
C ILE C 83 -22.47 7.79 22.54
N VAL C 84 -22.34 8.60 21.49
CA VAL C 84 -21.76 9.96 21.59
C VAL C 84 -22.82 11.03 21.57
N TYR C 85 -22.68 12.05 22.39
CA TYR C 85 -23.46 13.29 22.28
C TYR C 85 -22.54 14.52 22.36
N SER C 86 -23.07 15.68 22.05
CA SER C 86 -22.36 16.92 22.27
C SER C 86 -22.79 17.60 23.54
N ILE C 87 -21.84 17.95 24.38
CA ILE C 87 -22.13 18.69 25.60
C ILE C 87 -22.76 20.07 25.32
N ALA C 88 -22.68 20.55 24.08
CA ALA C 88 -23.29 21.83 23.65
C ALA C 88 -24.68 21.71 22.99
N ASP C 89 -25.26 20.51 22.97
CA ASP C 89 -26.54 20.26 22.28
C ASP C 89 -27.42 19.33 23.13
N ARG C 90 -28.29 19.93 23.94
CA ARG C 90 -29.24 19.20 24.78
C ARG C 90 -29.96 18.08 24.03
N GLY C 91 -30.46 18.40 22.85
CA GLY C 91 -31.17 17.41 22.02
C GLY C 91 -30.38 16.13 21.79
N SER C 92 -29.08 16.25 21.54
CA SER C 92 -28.24 15.08 21.27
C SER C 92 -28.05 14.20 22.52
N PHE C 93 -28.03 14.85 23.68
CA PHE C 93 -27.94 14.15 24.94
C PHE C 93 -29.22 13.39 25.22
N GLU C 94 -30.36 13.99 24.91
CA GLU C 94 -31.67 13.34 25.06
C GLU C 94 -31.79 12.08 24.19
N SER C 95 -31.26 12.14 22.96
CA SER C 95 -31.25 10.97 22.06
C SER C 95 -30.31 9.90 22.56
N ALA C 96 -29.09 10.30 22.92
CA ALA C 96 -28.12 9.36 23.52
C ALA C 96 -28.77 8.61 24.70
N SER C 97 -29.41 9.35 25.61
CA SER C 97 -30.05 8.75 26.78
C SER C 97 -31.06 7.70 26.41
N GLU C 98 -31.83 7.95 25.36
CA GLU C 98 -32.83 6.99 24.86
C GLU C 98 -32.12 5.71 24.34
N LEU C 99 -30.99 5.89 23.66
CA LEU C 99 -30.28 4.77 23.06
C LEU C 99 -29.69 3.79 24.09
N ARG C 100 -29.10 4.33 25.17
CA ARG C 100 -28.58 3.50 26.26
C ARG C 100 -29.69 2.69 26.91
N ILE C 101 -30.90 3.24 26.97
CA ILE C 101 -32.06 2.47 27.40
C ILE C 101 -32.35 1.36 26.38
N GLN C 102 -32.47 1.71 25.10
CA GLN C 102 -32.74 0.72 24.03
C GLN C 102 -31.70 -0.42 23.98
N LEU C 103 -30.44 -0.06 24.13
CA LEU C 103 -29.32 -1.01 24.08
C LEU C 103 -29.22 -1.91 25.32
N ARG C 104 -29.38 -1.34 26.51
CA ARG C 104 -29.35 -2.14 27.75
C ARG C 104 -30.47 -3.15 27.85
N ARG C 105 -31.60 -2.88 27.19
CA ARG C 105 -32.75 -3.81 27.21
C ARG C 105 -32.44 -5.10 26.40
N THR C 106 -31.42 -5.05 25.55
CA THR C 106 -30.98 -6.16 24.70
C THR C 106 -29.65 -6.74 25.19
N HIS C 107 -28.74 -5.86 25.58
CA HIS C 107 -27.39 -6.25 25.94
C HIS C 107 -27.14 -6.08 27.44
N GLN C 108 -26.83 -7.18 28.11
CA GLN C 108 -26.48 -7.14 29.52
C GLN C 108 -25.10 -6.50 29.75
N ALA C 109 -24.93 -5.90 30.93
CA ALA C 109 -23.67 -5.26 31.35
C ALA C 109 -22.49 -6.24 31.38
N ASP C 110 -22.69 -7.41 31.98
CA ASP C 110 -21.68 -8.45 32.06
C ASP C 110 -21.08 -8.81 30.67
N HIS C 111 -21.90 -8.69 29.62
CA HIS C 111 -21.50 -9.08 28.27
C HIS C 111 -21.01 -7.92 27.40
N VAL C 112 -21.75 -6.80 27.38
CA VAL C 112 -21.55 -5.75 26.39
C VAL C 112 -21.29 -4.38 26.98
N PRO C 113 -20.03 -3.92 26.88
CA PRO C 113 -19.74 -2.57 27.37
C PRO C 113 -20.40 -1.49 26.52
N ILE C 114 -20.93 -0.49 27.20
CA ILE C 114 -21.50 0.71 26.59
C ILE C 114 -20.82 1.94 27.19
N ILE C 115 -20.24 2.78 26.33
CA ILE C 115 -19.60 4.01 26.78
C ILE C 115 -20.48 5.16 26.36
N LEU C 116 -20.86 6.01 27.30
CA LEU C 116 -21.56 7.23 26.99
C LEU C 116 -20.50 8.28 26.84
N VAL C 117 -20.43 8.94 25.68
CA VAL C 117 -19.38 9.94 25.47
C VAL C 117 -19.95 11.35 25.28
N GLY C 118 -19.51 12.28 26.12
CA GLY C 118 -19.81 13.71 25.94
C GLY C 118 -18.70 14.37 25.14
N ASN C 119 -18.94 14.54 23.84
CA ASN C 119 -17.93 15.11 22.98
C ASN C 119 -18.06 16.64 22.92
N LYS C 120 -17.04 17.31 22.38
CA LYS C 120 -17.00 18.78 22.28
C LYS C 120 -16.83 19.46 23.63
N ALA C 121 -16.07 18.83 24.53
CA ALA C 121 -15.79 19.39 25.86
C ALA C 121 -15.06 20.74 25.81
N ASP C 122 -14.33 20.99 24.73
CA ASP C 122 -13.69 22.29 24.53
C ASP C 122 -14.68 23.45 24.42
N LEU C 123 -15.93 23.17 24.07
CA LEU C 123 -16.93 24.23 23.96
C LEU C 123 -17.53 24.65 25.32
N ALA C 124 -16.69 25.03 26.28
CA ALA C 124 -17.16 25.29 27.67
C ALA C 124 -18.21 26.40 27.80
N ARG C 125 -18.01 27.49 27.07
CA ARG C 125 -18.98 28.59 27.05
C ARG C 125 -20.31 28.25 26.39
N CYS C 126 -20.37 27.14 25.66
CA CYS C 126 -21.60 26.73 24.98
C CYS C 126 -22.29 25.57 25.65
N ARG C 127 -21.71 25.06 26.74
CA ARG C 127 -22.19 23.82 27.39
C ARG C 127 -23.67 23.88 27.77
N GLU C 128 -24.43 22.89 27.31
CA GLU C 128 -25.85 22.74 27.65
C GLU C 128 -26.12 21.50 28.52
N VAL C 129 -25.22 20.52 28.50
CA VAL C 129 -25.33 19.36 29.40
C VAL C 129 -24.17 19.32 30.35
N SER C 130 -24.44 19.24 31.65
CA SER C 130 -23.33 19.23 32.59
C SER C 130 -22.63 17.86 32.64
N VAL C 131 -21.43 17.86 33.20
CA VAL C 131 -20.65 16.65 33.44
C VAL C 131 -21.33 15.75 34.46
N GLU C 132 -21.96 16.33 35.47
CA GLU C 132 -22.72 15.56 36.45
C GLU C 132 -23.88 14.82 35.77
N GLU C 133 -24.52 15.48 34.79
CA GLU C 133 -25.62 14.84 34.08
C GLU C 133 -25.20 13.61 33.31
N GLY C 134 -24.03 13.66 32.67
CA GLY C 134 -23.55 12.55 31.82
C GLY C 134 -23.14 11.37 32.68
N ARG C 135 -22.40 11.65 33.74
CA ARG C 135 -22.03 10.66 34.74
C ARG C 135 -23.23 9.90 35.28
N ALA C 136 -24.24 10.64 35.75
CA ALA C 136 -25.42 10.03 36.34
C ALA C 136 -26.19 9.20 35.30
N CYS C 137 -26.29 9.73 34.10
CA CYS C 137 -26.93 9.01 33.01
C CYS C 137 -26.22 7.66 32.73
N ALA C 138 -24.90 7.65 32.83
CA ALA C 138 -24.11 6.46 32.59
C ALA C 138 -24.23 5.43 33.71
N VAL C 139 -24.02 5.87 34.94
CA VAL C 139 -23.82 4.97 36.07
C VAL C 139 -25.08 4.16 36.39
N VAL C 140 -26.23 4.76 36.10
CA VAL C 140 -27.54 4.23 36.49
C VAL C 140 -28.02 3.09 35.56
N PHE C 141 -27.37 2.97 34.40
CA PHE C 141 -27.58 1.84 33.49
C PHE C 141 -26.28 1.07 33.18
N ASP C 142 -25.39 1.00 34.16
CA ASP C 142 -24.14 0.24 34.07
C ASP C 142 -23.32 0.52 32.79
N CYS C 143 -23.21 1.81 32.47
CA CYS C 143 -22.40 2.26 31.41
C CYS C 143 -21.21 3.01 31.97
N LYS C 144 -20.17 3.12 31.17
CA LYS C 144 -19.05 3.98 31.51
C LYS C 144 -19.24 5.34 30.85
N PHE C 145 -18.49 6.32 31.33
CA PHE C 145 -18.63 7.69 30.86
C PHE C 145 -17.29 8.37 30.70
N ILE C 146 -17.16 9.14 29.64
CA ILE C 146 -16.01 10.02 29.49
C ILE C 146 -16.39 11.24 28.66
N GLU C 147 -15.72 12.36 28.91
CA GLU C 147 -15.87 13.53 28.05
C GLU C 147 -14.61 13.71 27.19
N THR C 148 -14.82 13.98 25.90
CA THR C 148 -13.74 14.08 24.95
C THR C 148 -13.82 15.39 24.17
N SER C 149 -12.76 15.67 23.41
CA SER C 149 -12.76 16.70 22.40
C SER C 149 -11.92 16.22 21.21
N ALA C 150 -12.53 16.06 20.05
CA ALA C 150 -11.79 15.61 18.87
C ALA C 150 -10.90 16.70 18.28
N THR C 151 -11.29 17.96 18.48
CA THR C 151 -10.50 19.09 17.97
C THR C 151 -9.28 19.39 18.83
N LEU C 152 -9.39 19.19 20.14
CA LEU C 152 -8.23 19.35 21.04
C LEU C 152 -7.48 18.04 21.23
N GLN C 153 -8.00 16.95 20.65
CA GLN C 153 -7.48 15.60 20.83
C GLN C 153 -7.34 15.30 22.31
N HIS C 154 -8.43 15.47 23.04
CA HIS C 154 -8.45 15.24 24.48
C HIS C 154 -9.34 14.04 24.81
N ASN C 155 -8.76 13.03 25.47
CA ASN C 155 -9.44 11.81 25.91
C ASN C 155 -9.90 10.85 24.80
N VAL C 156 -9.45 11.07 23.57
CA VAL C 156 -9.85 10.19 22.49
C VAL C 156 -9.09 8.86 22.60
N ALA C 157 -7.78 8.94 22.71
CA ALA C 157 -6.98 7.75 22.94
C ALA C 157 -7.50 6.98 24.16
N GLU C 158 -7.78 7.72 25.23
CA GLU C 158 -8.32 7.18 26.47
C GLU C 158 -9.70 6.52 26.28
N LEU C 159 -10.52 7.07 25.39
CA LEU C 159 -11.81 6.46 25.09
C LEU C 159 -11.61 5.06 24.52
N PHE C 160 -10.82 4.96 23.45
CA PHE C 160 -10.66 3.65 22.80
C PHE C 160 -9.82 2.66 23.56
N GLU C 161 -8.84 3.13 24.33
CA GLU C 161 -8.12 2.23 25.24
C GLU C 161 -9.05 1.69 26.31
N GLY C 162 -9.96 2.54 26.78
CA GLY C 162 -10.92 2.19 27.82
C GLY C 162 -11.87 1.16 27.32
N VAL C 163 -12.33 1.32 26.08
CA VAL C 163 -13.16 0.31 25.45
C VAL C 163 -12.46 -1.06 25.43
N VAL C 164 -11.19 -1.09 25.03
CA VAL C 164 -10.41 -2.33 25.08
C VAL C 164 -10.43 -2.98 26.47
N ARG C 165 -10.14 -2.18 27.49
CA ARG C 165 -10.10 -2.68 28.87
C ARG C 165 -11.43 -3.29 29.30
N GLN C 166 -12.52 -2.60 29.00
CA GLN C 166 -13.85 -3.07 29.38
C GLN C 166 -14.21 -4.37 28.68
N LEU C 167 -13.79 -4.51 27.43
CA LEU C 167 -14.03 -5.73 26.69
C LEU C 167 -13.21 -6.89 27.27
N ARG C 168 -11.99 -6.62 27.73
CA ARG C 168 -11.16 -7.67 28.34
C ARG C 168 -11.70 -8.13 29.71
N LEU C 169 -12.31 -7.24 30.46
CA LEU C 169 -12.93 -7.60 31.74
C LEU C 169 -14.24 -8.36 31.49
N ARG C 170 -14.91 -8.02 30.40
CA ARG C 170 -16.17 -8.63 30.04
C ARG C 170 -15.92 -9.89 29.21
N ARG C 171 -15.06 -10.77 29.75
CA ARG C 171 -14.57 -11.96 29.03
C ARG C 171 -14.00 -12.98 30.01
N MET D 2 10.90 13.23 -24.29
CA MET D 2 11.48 12.69 -23.02
C MET D 2 10.62 13.06 -21.80
N ALA D 3 9.94 12.07 -21.25
CA ALA D 3 9.20 12.23 -20.00
C ALA D 3 10.14 12.31 -18.81
N LEU D 4 11.04 11.32 -18.67
CA LEU D 4 11.87 11.17 -17.48
C LEU D 4 13.32 11.52 -17.75
N TYR D 5 13.95 12.20 -16.79
CA TYR D 5 15.39 12.41 -16.77
C TYR D 5 15.95 11.90 -15.44
N ARG D 6 17.17 11.38 -15.49
CA ARG D 6 17.88 10.89 -14.33
C ARG D 6 18.83 12.00 -13.87
N VAL D 7 18.62 12.47 -12.64
CA VAL D 7 19.40 13.57 -12.05
C VAL D 7 20.18 13.02 -10.87
N VAL D 8 21.50 13.14 -10.93
CA VAL D 8 22.37 12.53 -9.92
C VAL D 8 22.92 13.57 -8.94
N LEU D 9 22.72 13.31 -7.63
CA LEU D 9 23.22 14.20 -6.57
C LEU D 9 24.60 13.75 -6.10
N LEU D 10 25.59 14.63 -6.20
CA LEU D 10 26.97 14.37 -5.77
C LEU D 10 27.40 15.36 -4.69
N GLY D 11 28.42 14.98 -3.92
CA GLY D 11 28.98 15.84 -2.87
C GLY D 11 29.39 15.09 -1.62
N ASP D 12 30.28 15.68 -0.83
CA ASP D 12 30.76 15.06 0.41
C ASP D 12 29.61 14.79 1.39
N PRO D 13 29.84 13.89 2.37
CA PRO D 13 28.80 13.66 3.36
C PRO D 13 28.55 14.92 4.19
N GLY D 14 27.30 15.11 4.61
CA GLY D 14 26.93 16.20 5.51
C GLY D 14 26.54 17.51 4.86
N VAL D 15 26.66 17.60 3.54
CA VAL D 15 26.39 18.85 2.84
C VAL D 15 24.91 19.11 2.61
N GLY D 16 24.09 18.07 2.72
CA GLY D 16 22.64 18.21 2.65
C GLY D 16 21.97 17.55 1.46
N LYS D 17 22.63 16.53 0.91
CA LYS D 17 22.17 15.85 -0.31
C LYS D 17 20.83 15.22 -0.09
N THR D 18 20.75 14.40 0.94
CA THR D 18 19.53 13.68 1.24
C THR D 18 18.39 14.64 1.60
N SER D 19 18.70 15.72 2.32
CA SER D 19 17.70 16.70 2.69
C SER D 19 17.09 17.38 1.47
N LEU D 20 17.92 17.74 0.49
CA LEU D 20 17.44 18.31 -0.75
C LEU D 20 16.54 17.31 -1.49
N ALA D 21 16.95 16.06 -1.52
CA ALA D 21 16.19 14.99 -2.20
C ALA D 21 14.84 14.77 -1.57
N SER D 22 14.80 14.81 -0.25
CA SER D 22 13.54 14.60 0.48
C SER D 22 12.54 15.71 0.22
N LEU D 23 13.03 16.94 0.17
CA LEU D 23 12.17 18.09 -0.17
C LEU D 23 11.67 17.94 -1.61
N PHE D 24 12.54 17.43 -2.48
CA PHE D 24 12.13 17.14 -3.86
C PHE D 24 11.06 16.07 -3.94
N ALA D 25 11.20 15.01 -3.16
CA ALA D 25 10.21 13.93 -3.13
C ALA D 25 8.89 14.39 -2.58
N GLY D 26 8.94 15.20 -1.52
CA GLY D 26 7.75 15.44 -0.69
C GLY D 26 7.56 14.27 0.24
N GLN D 35 10.73 -4.41 -1.64
CA GLN D 35 10.60 -2.99 -1.89
C GLN D 35 11.94 -2.27 -1.72
N LEU D 36 13.03 -2.97 -2.05
CA LEU D 36 14.36 -2.52 -1.66
C LEU D 36 15.49 -2.47 -2.71
N GLY D 37 16.06 -1.27 -2.75
CA GLY D 37 17.50 -1.01 -2.77
C GLY D 37 17.66 0.16 -1.77
N GLU D 38 18.30 1.26 -2.19
CA GLU D 38 18.26 2.52 -1.40
C GLU D 38 16.91 3.27 -1.61
N ASP D 39 16.78 4.48 -1.08
CA ASP D 39 15.68 5.39 -1.47
C ASP D 39 15.99 6.05 -2.82
N VAL D 40 15.06 5.92 -3.77
CA VAL D 40 15.14 6.66 -5.06
C VAL D 40 14.05 7.73 -5.03
N TYR D 41 14.24 8.87 -5.69
CA TYR D 41 13.23 9.91 -5.52
C TYR D 41 12.67 10.30 -6.89
N GLU D 42 11.35 10.20 -7.03
CA GLU D 42 10.71 10.45 -8.32
C GLU D 42 9.56 11.44 -8.14
N ARG D 43 9.53 12.47 -8.98
CA ARG D 43 8.41 13.38 -9.03
C ARG D 43 8.27 14.08 -10.37
N THR D 44 7.01 14.31 -10.73
CA THR D 44 6.64 14.97 -11.98
C THR D 44 6.38 16.44 -11.69
N LEU D 45 7.17 17.32 -12.30
CA LEU D 45 7.12 18.74 -12.02
C LEU D 45 6.54 19.50 -13.18
N THR D 46 5.69 20.48 -12.86
CA THR D 46 5.13 21.36 -13.86
C THR D 46 5.99 22.63 -13.90
N VAL D 47 6.57 22.89 -15.06
CA VAL D 47 7.46 24.03 -15.27
C VAL D 47 7.14 24.67 -16.61
N ASP D 48 7.01 25.99 -16.63
CA ASP D 48 6.61 26.74 -17.84
C ASP D 48 5.41 26.06 -18.53
N GLY D 49 4.41 25.67 -17.74
CA GLY D 49 3.18 25.06 -18.25
C GLY D 49 3.29 23.64 -18.80
N GLU D 50 4.40 22.97 -18.53
CA GLU D 50 4.72 21.68 -19.14
C GLU D 50 5.27 20.72 -18.09
N ASP D 51 4.81 19.46 -18.12
CA ASP D 51 5.20 18.47 -17.12
C ASP D 51 6.50 17.73 -17.50
N THR D 52 7.32 17.44 -16.49
CA THR D 52 8.53 16.66 -16.69
C THR D 52 8.85 15.89 -15.41
N THR D 53 9.19 14.62 -15.57
CA THR D 53 9.54 13.76 -14.45
C THR D 53 11.05 13.73 -14.26
N LEU D 54 11.47 13.95 -13.02
CA LEU D 54 12.84 13.75 -12.65
C LEU D 54 12.90 12.58 -11.68
N VAL D 55 13.90 11.73 -11.91
CA VAL D 55 14.28 10.71 -10.96
C VAL D 55 15.60 11.18 -10.35
N VAL D 56 15.58 11.47 -9.05
CA VAL D 56 16.72 12.03 -8.37
C VAL D 56 17.42 10.93 -7.60
N VAL D 57 18.69 10.71 -7.93
CA VAL D 57 19.49 9.64 -7.33
C VAL D 57 20.38 10.20 -6.21
N ASP D 58 20.34 9.56 -5.03
CA ASP D 58 21.08 10.02 -3.85
C ASP D 58 21.85 8.86 -3.25
N THR D 59 22.78 8.30 -4.02
CA THR D 59 23.53 7.13 -3.54
C THR D 59 25.04 7.33 -3.57
N TRP D 60 25.47 8.57 -3.75
CA TRP D 60 26.90 8.86 -3.87
C TRP D 60 27.63 8.82 -2.53
N GLU D 61 28.80 8.19 -2.55
CA GLU D 61 29.68 8.10 -1.39
C GLU D 61 31.13 8.33 -1.82
N SER D 68 32.91 -0.35 -7.55
CA SER D 68 31.47 -0.59 -7.50
C SER D 68 30.76 -0.12 -8.78
N TRP D 69 29.96 -1.02 -9.34
CA TRP D 69 29.24 -0.75 -10.59
C TRP D 69 28.28 0.43 -10.47
N SER D 70 27.47 0.47 -9.41
CA SER D 70 26.51 1.56 -9.29
C SER D 70 27.18 2.94 -9.18
N GLN D 71 28.28 3.04 -8.45
CA GLN D 71 28.97 4.33 -8.28
C GLN D 71 29.55 4.77 -9.63
N GLU D 72 30.27 3.87 -10.28
CA GLU D 72 30.74 4.13 -11.63
C GLU D 72 29.61 4.57 -12.59
N SER D 73 28.56 3.75 -12.73
CA SER D 73 27.46 4.10 -13.65
C SER D 73 26.83 5.45 -13.28
N CYS D 74 26.77 5.74 -11.99
CA CYS D 74 26.29 7.01 -11.46
C CYS D 74 27.18 8.22 -11.85
N LEU D 75 28.45 8.00 -12.15
CA LEU D 75 29.32 9.07 -12.65
C LEU D 75 29.34 9.16 -14.20
N GLN D 76 28.67 8.23 -14.88
CA GLN D 76 28.68 8.17 -16.36
C GLN D 76 27.31 8.45 -17.01
N GLY D 77 26.23 7.90 -16.45
CA GLY D 77 24.92 7.92 -17.11
C GLY D 77 23.80 8.67 -16.41
N GLY D 78 24.11 9.89 -15.98
CA GLY D 78 23.11 10.89 -15.56
C GLY D 78 22.73 11.84 -16.70
N SER D 79 21.48 12.25 -16.72
CA SER D 79 21.03 13.27 -17.67
C SER D 79 21.52 14.63 -17.18
N ALA D 80 21.59 14.79 -15.85
CA ALA D 80 22.11 16.01 -15.22
C ALA D 80 22.76 15.68 -13.87
N TYR D 81 23.73 16.50 -13.46
CA TYR D 81 24.39 16.32 -12.20
C TYR D 81 24.28 17.56 -11.34
N VAL D 82 23.90 17.34 -10.08
CA VAL D 82 23.83 18.38 -9.09
C VAL D 82 24.92 18.10 -8.06
N ILE D 83 25.99 18.92 -8.09
CA ILE D 83 27.11 18.82 -7.16
C ILE D 83 26.81 19.79 -6.02
N VAL D 84 26.58 19.25 -4.82
CA VAL D 84 26.27 20.05 -3.65
C VAL D 84 27.47 20.21 -2.70
N TYR D 85 27.67 21.42 -2.19
CA TYR D 85 28.56 21.63 -1.04
C TYR D 85 27.87 22.44 0.04
N SER D 86 28.49 22.51 1.22
CA SER D 86 28.03 23.44 2.24
C SER D 86 28.87 24.70 2.24
N ILE D 87 28.21 25.85 2.20
CA ILE D 87 28.89 27.13 2.29
C ILE D 87 29.63 27.29 3.62
N ALA D 88 29.32 26.45 4.61
CA ALA D 88 30.00 26.46 5.93
C ALA D 88 31.21 25.50 6.07
N ASP D 89 31.57 24.82 4.98
CA ASP D 89 32.62 23.78 5.01
C ASP D 89 33.53 23.87 3.77
N ARG D 90 34.62 24.60 3.92
CA ARG D 90 35.63 24.78 2.89
C ARG D 90 36.03 23.46 2.21
N GLY D 91 36.27 22.43 3.01
CA GLY D 91 36.59 21.10 2.50
C GLY D 91 35.60 20.56 1.47
N SER D 92 34.31 20.72 1.74
CA SER D 92 33.25 20.22 0.83
C SER D 92 33.24 20.97 -0.51
N PHE D 93 33.55 22.27 -0.46
CA PHE D 93 33.66 23.09 -1.68
C PHE D 93 34.83 22.62 -2.53
N GLU D 94 35.95 22.32 -1.87
CA GLU D 94 37.15 21.84 -2.57
C GLU D 94 36.90 20.53 -3.34
N SER D 95 36.12 19.62 -2.77
CA SER D 95 35.79 18.39 -3.50
C SER D 95 34.67 18.56 -4.54
N ALA D 96 33.67 19.41 -4.31
CA ALA D 96 32.70 19.72 -5.36
C ALA D 96 33.46 20.22 -6.61
N SER D 97 34.30 21.23 -6.38
CA SER D 97 35.18 21.79 -7.40
C SER D 97 35.90 20.68 -8.19
N GLU D 98 36.55 19.75 -7.49
CA GLU D 98 37.27 18.67 -8.15
C GLU D 98 36.30 17.72 -8.88
N LEU D 99 35.04 17.66 -8.45
CA LEU D 99 34.06 16.80 -9.08
C LEU D 99 33.55 17.37 -10.39
N ARG D 100 33.30 18.69 -10.46
CA ARG D 100 32.92 19.30 -11.76
C ARG D 100 33.97 19.06 -12.80
N ILE D 101 35.23 19.05 -12.38
CA ILE D 101 36.33 18.84 -13.30
C ILE D 101 36.30 17.43 -13.84
N GLN D 102 36.04 16.42 -13.00
CA GLN D 102 36.03 15.04 -13.51
C GLN D 102 34.76 14.73 -14.34
N LEU D 103 33.61 15.31 -13.97
CA LEU D 103 32.40 15.18 -14.78
C LEU D 103 32.57 15.78 -16.19
N ARG D 104 33.04 17.01 -16.26
CA ARG D 104 33.20 17.69 -17.56
C ARG D 104 34.27 17.07 -18.45
N ARG D 105 35.13 16.24 -17.89
CA ARG D 105 36.03 15.42 -18.71
C ARG D 105 35.26 14.30 -19.44
N THR D 106 34.01 14.07 -19.08
CA THR D 106 33.18 13.09 -19.76
C THR D 106 31.96 13.72 -20.44
N HIS D 107 31.33 14.66 -19.76
CA HIS D 107 30.06 15.21 -20.19
C HIS D 107 30.22 16.66 -20.64
N GLN D 108 29.98 16.93 -21.93
CA GLN D 108 30.06 18.28 -22.49
C GLN D 108 28.90 19.17 -22.03
N ALA D 109 29.14 20.48 -21.99
CA ALA D 109 28.14 21.46 -21.52
C ALA D 109 26.88 21.51 -22.41
N ASP D 110 27.09 21.51 -23.72
CA ASP D 110 25.99 21.50 -24.70
C ASP D 110 25.01 20.34 -24.48
N HIS D 111 25.48 19.21 -23.94
CA HIS D 111 24.62 18.03 -23.74
C HIS D 111 24.15 17.85 -22.27
N VAL D 112 25.03 18.02 -21.29
CA VAL D 112 24.74 17.61 -19.91
C VAL D 112 24.87 18.74 -18.88
N PRO D 113 23.74 19.17 -18.33
CA PRO D 113 23.79 20.25 -17.36
C PRO D 113 24.40 19.79 -16.04
N ILE D 114 25.23 20.66 -15.47
CA ILE D 114 25.78 20.46 -14.13
C ILE D 114 25.47 21.70 -13.31
N ILE D 115 24.82 21.49 -12.16
CA ILE D 115 24.50 22.58 -11.26
C ILE D 115 25.39 22.49 -10.05
N LEU D 116 26.10 23.56 -9.74
CA LEU D 116 26.92 23.63 -8.54
C LEU D 116 26.05 24.30 -7.47
N VAL D 117 25.78 23.58 -6.38
CA VAL D 117 24.85 24.06 -5.36
C VAL D 117 25.56 24.30 -4.05
N GLY D 118 25.46 25.51 -3.51
CA GLY D 118 25.99 25.87 -2.19
C GLY D 118 24.84 25.82 -1.20
N ASN D 119 24.77 24.71 -0.48
CA ASN D 119 23.70 24.48 0.49
C ASN D 119 24.04 25.05 1.85
N LYS D 120 23.03 25.15 2.72
CA LYS D 120 23.17 25.69 4.07
C LYS D 120 23.44 27.19 4.08
N ALA D 121 22.85 27.91 3.11
CA ALA D 121 22.95 29.36 3.01
C ALA D 121 22.43 30.08 4.25
N ASP D 122 21.55 29.45 5.02
CA ASP D 122 21.06 30.00 6.29
C ASP D 122 22.16 30.12 7.36
N LEU D 123 23.26 29.40 7.20
CA LEU D 123 24.36 29.47 8.16
C LEU D 123 25.29 30.65 7.88
N ALA D 124 24.73 31.86 7.91
CA ALA D 124 25.42 33.07 7.48
C ALA D 124 26.63 33.42 8.34
N ARG D 125 26.53 33.22 9.65
CA ARG D 125 27.66 33.50 10.56
C ARG D 125 28.83 32.57 10.36
N CYS D 126 28.56 31.35 9.89
CA CYS D 126 29.59 30.34 9.72
C CYS D 126 30.06 30.18 8.28
N ARG D 127 29.63 31.07 7.39
CA ARG D 127 30.02 30.96 5.98
C ARG D 127 31.53 30.86 5.81
N GLU D 128 32.01 29.86 5.08
CA GLU D 128 33.45 29.75 4.75
C GLU D 128 33.76 30.02 3.27
N VAL D 129 32.86 29.57 2.40
CA VAL D 129 32.95 29.80 0.96
C VAL D 129 32.03 30.97 0.62
N SER D 130 32.54 31.92 -0.15
CA SER D 130 31.76 33.09 -0.48
C SER D 130 30.95 32.82 -1.72
N VAL D 131 29.89 33.61 -1.91
CA VAL D 131 29.00 33.50 -3.07
C VAL D 131 29.74 33.67 -4.40
N GLU D 132 30.72 34.59 -4.47
CA GLU D 132 31.42 34.80 -5.74
C GLU D 132 32.42 33.68 -6.12
N GLU D 133 33.07 33.06 -5.15
CA GLU D 133 33.95 31.92 -5.46
C GLU D 133 33.15 30.71 -5.91
N GLY D 134 31.93 30.56 -5.39
CA GLY D 134 30.96 29.58 -5.89
C GLY D 134 30.52 29.90 -7.32
N ARG D 135 30.13 31.15 -7.56
CA ARG D 135 29.83 31.61 -8.91
C ARG D 135 31.00 31.34 -9.86
N ALA D 136 32.21 31.74 -9.46
CA ALA D 136 33.41 31.63 -10.30
C ALA D 136 33.71 30.16 -10.66
N CYS D 137 33.58 29.29 -9.66
CA CYS D 137 33.76 27.86 -9.85
C CYS D 137 32.76 27.35 -10.90
N ALA D 138 31.54 27.87 -10.89
CA ALA D 138 30.55 27.55 -11.91
C ALA D 138 30.95 28.06 -13.29
N VAL D 139 31.41 29.29 -13.40
CA VAL D 139 31.60 29.89 -14.71
C VAL D 139 32.64 29.09 -15.50
N VAL D 140 33.77 28.78 -14.86
CA VAL D 140 34.92 28.17 -15.54
C VAL D 140 34.57 26.96 -16.39
N PHE D 141 33.62 26.14 -15.96
CA PHE D 141 33.25 24.95 -16.71
C PHE D 141 31.78 24.99 -17.14
N ASP D 142 31.25 26.21 -17.30
CA ASP D 142 29.85 26.47 -17.67
C ASP D 142 28.86 25.60 -16.93
N CYS D 143 29.00 25.60 -15.62
CA CYS D 143 27.99 25.07 -14.76
C CYS D 143 27.06 26.20 -14.42
N LYS D 144 25.88 25.85 -13.99
CA LYS D 144 25.01 26.82 -13.38
C LYS D 144 25.24 26.77 -11.88
N PHE D 145 24.81 27.83 -11.21
CA PHE D 145 25.10 28.00 -9.78
C PHE D 145 23.92 28.55 -9.03
N ILE D 146 23.65 27.98 -7.87
CA ILE D 146 22.60 28.50 -7.02
C ILE D 146 22.98 28.21 -5.57
N GLU D 147 22.50 29.02 -4.65
CA GLU D 147 22.60 28.76 -3.22
C GLU D 147 21.22 28.42 -2.63
N THR D 148 21.19 27.36 -1.81
CA THR D 148 19.96 26.85 -1.23
C THR D 148 20.08 26.72 0.28
N SER D 149 18.93 26.49 0.92
CA SER D 149 18.86 26.00 2.28
C SER D 149 17.71 25.03 2.42
N ALA D 150 18.01 23.78 2.74
CA ALA D 150 16.98 22.78 2.92
C ALA D 150 16.15 23.01 4.19
N THR D 151 16.73 23.63 5.21
CA THR D 151 16.03 23.86 6.47
C THR D 151 15.13 25.12 6.46
N LEU D 152 15.48 26.10 5.63
CA LEU D 152 14.60 27.26 5.35
C LEU D 152 13.68 27.01 4.16
N GLN D 153 13.90 25.91 3.44
CA GLN D 153 13.22 25.64 2.19
C GLN D 153 13.39 26.82 1.23
N HIS D 154 14.64 27.22 1.02
CA HIS D 154 14.95 28.35 0.15
C HIS D 154 15.68 27.85 -1.09
N ASN D 155 15.15 28.21 -2.27
CA ASN D 155 15.73 27.86 -3.57
C ASN D 155 15.71 26.40 -3.95
N VAL D 156 15.04 25.56 -3.17
CA VAL D 156 15.06 24.13 -3.45
C VAL D 156 14.14 23.80 -4.66
N ALA D 157 12.91 24.30 -4.62
CA ALA D 157 12.04 24.22 -5.77
C ALA D 157 12.74 24.83 -6.99
N GLU D 158 13.35 25.99 -6.79
CA GLU D 158 14.02 26.69 -7.88
C GLU D 158 15.21 25.92 -8.43
N LEU D 159 15.88 25.14 -7.60
CA LEU D 159 16.96 24.27 -8.06
C LEU D 159 16.43 23.23 -9.04
N PHE D 160 15.43 22.47 -8.60
CA PHE D 160 14.93 21.36 -9.43
C PHE D 160 14.17 21.82 -10.66
N GLU D 161 13.48 22.94 -10.56
CA GLU D 161 12.83 23.52 -11.73
C GLU D 161 13.86 24.02 -12.72
N GLY D 162 14.97 24.55 -12.20
CA GLY D 162 16.06 25.03 -13.04
C GLY D 162 16.70 23.90 -13.80
N VAL D 163 16.89 22.77 -13.13
CA VAL D 163 17.44 21.58 -13.77
C VAL D 163 16.56 21.14 -14.95
N VAL D 164 15.24 21.11 -14.74
CA VAL D 164 14.31 20.81 -15.84
C VAL D 164 14.56 21.75 -17.00
N ARG D 165 14.63 23.05 -16.74
CA ARG D 165 14.80 24.04 -17.81
C ARG D 165 16.11 23.82 -18.58
N GLN D 166 17.20 23.55 -17.87
CA GLN D 166 18.48 23.32 -18.53
C GLN D 166 18.45 22.05 -19.40
N LEU D 167 17.78 21.02 -18.93
CA LEU D 167 17.64 19.79 -19.70
C LEU D 167 16.81 20.02 -20.98
N ARG D 168 15.82 20.89 -20.91
CA ARG D 168 15.00 21.22 -22.08
C ARG D 168 15.77 22.02 -23.10
N LEU D 169 16.69 22.85 -22.62
CA LEU D 169 17.52 23.68 -23.49
C LEU D 169 18.63 22.88 -24.17
N ARG D 170 19.01 21.72 -23.61
CA ARG D 170 20.04 20.86 -24.21
C ARG D 170 19.72 20.52 -25.66
MG MG E . 14.96 -11.34 -25.07
CL CL F . 6.23 -2.08 -23.41
PB GDP G . 12.90 -9.21 -23.84
O1B GDP G . 12.18 -9.22 -22.51
O2B GDP G . 14.27 -9.78 -23.79
O3B GDP G . 12.02 -10.00 -24.78
O3A GDP G . 12.91 -7.67 -24.22
PA GDP G . 14.15 -7.04 -25.01
O1A GDP G . 14.44 -7.89 -26.22
O2A GDP G . 15.34 -6.84 -24.14
O5' GDP G . 13.57 -5.59 -25.36
C5' GDP G . 12.32 -5.41 -26.05
C4' GDP G . 12.27 -3.99 -26.60
O4' GDP G . 12.01 -3.03 -25.53
C3' GDP G . 13.60 -3.57 -27.26
O3' GDP G . 13.39 -2.87 -28.50
C2' GDP G . 14.23 -2.64 -26.25
O2' GDP G . 15.02 -1.61 -26.85
C1' GDP G . 13.06 -2.06 -25.48
N9 GDP G . 13.40 -1.81 -24.07
C8 GDP G . 13.97 -2.67 -23.18
N7 GDP G . 14.11 -2.09 -21.95
C5 GDP G . 13.60 -0.88 -22.06
C6 GDP G . 13.45 0.28 -21.17
O6 GDP G . 13.84 0.17 -19.99
N1 GDP G . 12.87 1.39 -21.67
C2 GDP G . 12.46 1.49 -22.95
N2 GDP G . 11.88 2.62 -23.44
N3 GDP G . 12.60 0.47 -23.83
C4 GDP G . 13.14 -0.70 -23.44
MG MG H . -18.94 -25.23 2.13
CL CL I . -8.80 -21.46 8.65
PB GDP J . -16.59 -23.53 3.35
O1B GDP J . -15.88 -22.51 2.50
O2B GDP J . -18.08 -23.63 3.11
O3B GDP J . -15.91 -24.78 2.87
O3A GDP J . -16.41 -23.28 4.91
PA GDP J . -17.70 -23.46 5.89
O1A GDP J . -18.29 -24.87 5.84
O2A GDP J . -18.77 -22.42 5.73
O5' GDP J . -17.02 -23.27 7.33
C5' GDP J . -15.86 -24.10 7.61
C4' GDP J . -15.55 -24.04 9.10
O4' GDP J . -15.04 -22.74 9.47
C3' GDP J . -16.83 -24.28 9.90
O3' GDP J . -16.52 -25.09 11.03
C2' GDP J . -17.23 -22.89 10.35
O2' GDP J . -17.96 -22.92 11.57
C1' GDP J . -15.91 -22.15 10.43
N9 GDP J . -16.03 -20.73 10.08
C8 GDP J . -16.63 -20.19 8.96
N7 GDP J . -16.56 -18.85 8.99
C5 GDP J . -15.90 -18.50 10.11
C6 GDP J . -15.50 -17.23 10.76
O6 GDP J . -15.74 -16.14 10.20
N1 GDP J . -14.86 -17.31 11.94
C2 GDP J . -14.57 -18.51 12.52
N2 GDP J . -13.90 -18.59 13.69
N3 GDP J . -14.92 -19.70 12.00
C4 GDP J . -15.57 -19.73 10.82
MG MG K . -20.13 11.12 10.58
PB GDP L . -20.93 13.38 13.14
O1B GDP L . -21.27 12.80 14.50
O2B GDP L . -20.13 12.39 12.33
O3B GDP L . -22.24 13.71 12.47
O3A GDP L . -20.08 14.71 13.34
PA GDP L . -18.63 14.99 12.67
O1A GDP L . -18.64 14.94 11.16
O2A GDP L . -17.52 14.12 13.26
O5' GDP L . -18.40 16.48 13.20
C5' GDP L . -19.43 17.45 13.15
C4' GDP L . -18.79 18.83 13.31
O4' GDP L . -18.37 18.99 14.67
C3' GDP L . -17.55 18.98 12.43
O3' GDP L . -17.56 20.25 11.76
C2' GDP L . -16.39 18.88 13.39
O2' GDP L . -15.34 19.76 12.98
C1' GDP L . -16.99 19.30 14.71
N9 GDP L . -16.48 18.61 15.92
C8 GDP L . -16.38 17.29 16.12
N7 GDP L . -15.88 17.04 17.35
C5 GDP L . -15.65 18.20 17.95
C6 GDP L . -15.13 18.65 19.26
O6 GDP L . -14.79 17.79 20.11
N1 GDP L . -15.06 19.97 19.48
C2 GDP L . -15.45 20.88 18.56
N2 GDP L . -15.37 22.21 18.81
N3 GDP L . -15.93 20.52 17.35
C4 GDP L . -16.05 19.23 17.00
MG MG M . 22.80 11.43 2.41
PB GDP N . 24.10 14.27 3.10
O1B GDP N . 24.73 15.12 2.00
O2B GDP N . 23.02 13.38 2.58
O3B GDP N . 25.19 13.40 3.67
O3A GDP N . 23.54 15.28 4.21
PA GDP N . 22.12 15.17 4.93
O1A GDP N . 21.88 13.87 5.62
O2A GDP N . 20.97 15.58 4.03
O5' GDP N . 22.27 16.38 5.98
C5' GDP N . 23.31 16.45 6.96
C4' GDP N . 22.86 17.31 8.14
O4' GDP N . 22.86 18.69 7.75
C3' GDP N . 21.44 17.02 8.63
O3' GDP N . 21.32 17.36 10.00
C2' GDP N . 20.60 18.04 7.92
O2' GDP N . 19.40 18.34 8.63
C1' GDP N . 21.54 19.22 7.89
N9 GDP N . 21.20 20.14 6.79
C8 GDP N . 20.94 19.83 5.53
N7 GDP N . 20.69 20.94 4.78
C5 GDP N . 20.82 21.98 5.60
C6 GDP N . 20.67 23.43 5.45
O6 GDP N . 20.39 23.93 4.34
N1 GDP N . 20.87 24.16 6.56
C2 GDP N . 21.18 23.62 7.77
N2 GDP N . 21.37 24.42 8.84
N3 GDP N . 21.33 22.29 7.94
C4 GDP N . 21.15 21.45 6.92
#